data_2QRN
#
_entry.id   2QRN
#
_cell.length_a   94.565
_cell.length_b   94.565
_cell.length_c   335.334
_cell.angle_alpha   90.00
_cell.angle_beta   90.00
_cell.angle_gamma   90.00
#
_symmetry.space_group_name_H-M   'P 43 21 2'
#
loop_
_entity.id
_entity.type
_entity.pdbx_description
1 polymer 'Deoxycytidine kinase'
2 non-polymer 'MAGNESIUM ION'
3 non-polymer "URIDINE-5'-DIPHOSPHATE"
4 non-polymer "2'-DEOXYCYTIDINE-5'-MONOPHOSPHATE"
#
_entity_poly.entity_id   1
_entity_poly.type   'polypeptide(L)'
_entity_poly.pdbx_seq_one_letter_code
;MGSSHHHHHHSSGLVPRGSHMATPPKRSCPSFSASSEGTRIKKISIEGNIAAGKSTFVNILKQLCEDWEVVPEPVARWCN
VQSTQDEFEELTMSQKNGGNVLQMMYEKPERWSFTFQTYACLSRIRAQLASLNGKLKDAEKPVLFFERSVYSDRYIFASN
LYESECMNETEWTIYQDWHDWMNNQFGQSLELDGIIYLQATPETCLHRIYLRGRNEEQGIPLEYLEKLHYKHESWLLHRT
LKTNFDYLQEVPILTLDVNEDFKDKYESLVEKVKEFLSTL
;
_entity_poly.pdbx_strand_id   A,B,C,D
#
loop_
_chem_comp.id
_chem_comp.type
_chem_comp.name
_chem_comp.formula
DCM non-polymer 2'-DEOXYCYTIDINE-5'-MONOPHOSPHATE 'C9 H14 N3 O7 P'
MG non-polymer 'MAGNESIUM ION' 'Mg 2'
UDP RNA linking URIDINE-5'-DIPHOSPHATE 'C9 H14 N2 O12 P2'
#
# COMPACT_ATOMS: atom_id res chain seq x y z
N ARG A 40 0.02 -32.26 19.06
CA ARG A 40 -0.52 -33.65 19.13
C ARG A 40 -0.26 -34.27 20.51
N ILE A 41 0.91 -33.94 21.08
CA ILE A 41 1.33 -34.46 22.37
C ILE A 41 0.82 -33.67 23.56
N LYS A 42 0.54 -34.34 24.68
CA LYS A 42 0.10 -33.62 25.87
C LYS A 42 1.35 -33.05 26.52
N LYS A 43 1.36 -31.74 26.77
CA LYS A 43 2.51 -31.05 27.39
C LYS A 43 2.26 -30.65 28.84
N ILE A 44 3.02 -31.25 29.76
CA ILE A 44 2.89 -30.97 31.17
C ILE A 44 4.14 -30.25 31.67
N SER A 45 3.95 -29.17 32.44
CA SER A 45 5.07 -28.40 32.97
C SER A 45 5.30 -28.72 34.44
N ILE A 46 6.57 -28.87 34.83
CA ILE A 46 6.89 -29.16 36.22
C ILE A 46 7.55 -27.97 36.89
N GLU A 47 6.73 -27.18 37.59
CA GLU A 47 7.19 -25.99 38.30
C GLU A 47 7.66 -26.29 39.71
N GLY A 48 8.66 -25.53 40.16
CA GLY A 48 9.18 -25.74 41.49
C GLY A 48 10.21 -24.67 41.77
N ASN A 49 10.69 -24.60 43.02
CA ASN A 49 11.71 -23.60 43.35
C ASN A 49 13.05 -24.17 42.90
N ILE A 50 14.14 -23.50 43.28
CA ILE A 50 15.46 -23.98 42.89
C ILE A 50 15.80 -25.16 43.77
N ALA A 51 16.16 -26.27 43.14
CA ALA A 51 16.53 -27.47 43.87
C ALA A 51 15.36 -28.13 44.62
N ALA A 52 14.16 -27.84 44.18
CA ALA A 52 12.98 -28.42 44.81
C ALA A 52 13.01 -29.90 44.49
N GLY A 53 13.37 -30.22 43.24
CA GLY A 53 13.46 -31.61 42.82
C GLY A 53 12.66 -32.04 41.60
N LYS A 54 12.58 -31.20 40.57
CA LYS A 54 11.85 -31.57 39.36
C LYS A 54 12.61 -32.71 38.69
N SER A 55 13.84 -32.42 38.29
CA SER A 55 14.71 -33.40 37.64
C SER A 55 14.55 -34.73 38.36
N THR A 56 14.85 -34.74 39.65
CA THR A 56 14.72 -35.97 40.44
C THR A 56 13.36 -36.63 40.30
N PHE A 57 12.31 -35.85 40.47
CA PHE A 57 10.93 -36.33 40.39
C PHE A 57 10.52 -36.78 39.01
N VAL A 58 10.98 -36.09 37.98
CA VAL A 58 10.59 -36.47 36.62
C VAL A 58 11.27 -37.75 36.18
N ASN A 59 12.53 -37.94 36.55
CA ASN A 59 13.26 -39.16 36.18
C ASN A 59 12.56 -40.41 36.65
N ILE A 60 11.81 -40.26 37.74
CA ILE A 60 11.07 -41.37 38.30
C ILE A 60 9.88 -41.67 37.39
N LEU A 61 9.31 -40.62 36.81
CA LEU A 61 8.18 -40.81 35.90
C LEU A 61 8.72 -41.23 34.53
N LYS A 62 9.82 -40.62 34.10
CA LYS A 62 10.42 -40.92 32.80
C LYS A 62 10.47 -42.42 32.57
N GLN A 63 10.93 -43.15 33.59
CA GLN A 63 11.04 -44.60 33.51
C GLN A 63 9.77 -45.26 34.06
N LEU A 64 8.68 -45.12 33.31
CA LEU A 64 7.39 -45.68 33.68
C LEU A 64 6.53 -45.67 32.42
N CYS A 65 7.20 -45.49 31.28
CA CYS A 65 6.53 -45.46 29.98
C CYS A 65 7.50 -44.98 28.87
N GLU A 66 7.35 -45.56 27.69
CA GLU A 66 8.19 -45.19 26.55
C GLU A 66 7.55 -44.04 25.81
N ASP A 67 6.35 -43.67 26.24
CA ASP A 67 5.61 -42.57 25.65
C ASP A 67 5.64 -41.35 26.56
N TRP A 68 6.66 -41.33 27.43
CA TRP A 68 6.87 -40.25 28.39
C TRP A 68 8.34 -39.78 28.30
N GLU A 69 8.54 -38.62 27.69
CA GLU A 69 9.88 -38.04 27.50
C GLU A 69 10.04 -36.80 28.39
N VAL A 70 11.26 -36.27 28.46
CA VAL A 70 11.52 -35.08 29.28
C VAL A 70 12.34 -34.03 28.56
N VAL A 71 12.15 -32.77 28.95
CA VAL A 71 12.88 -31.66 28.35
C VAL A 71 13.45 -30.79 29.46
N PRO A 72 14.66 -31.11 29.91
CA PRO A 72 15.38 -30.43 30.98
C PRO A 72 15.80 -29.01 30.65
N GLU A 73 15.93 -28.18 31.68
CA GLU A 73 16.38 -26.82 31.48
C GLU A 73 17.78 -26.99 30.94
N PRO A 74 18.13 -26.25 29.90
CA PRO A 74 19.49 -26.42 29.38
C PRO A 74 20.52 -25.74 30.29
N VAL A 75 20.45 -26.03 31.58
CA VAL A 75 21.38 -25.43 32.54
C VAL A 75 22.81 -25.77 32.17
N ALA A 76 22.98 -26.78 31.33
CA ALA A 76 24.30 -27.19 30.86
C ALA A 76 24.93 -26.04 30.09
N ARG A 77 24.28 -25.62 29.00
CA ARG A 77 24.76 -24.54 28.15
C ARG A 77 24.82 -23.18 28.83
N TRP A 78 24.18 -23.04 29.99
CA TRP A 78 24.19 -21.77 30.71
C TRP A 78 25.50 -21.62 31.45
N CYS A 79 26.12 -22.74 31.79
CA CYS A 79 27.38 -22.71 32.52
C CYS A 79 28.56 -22.75 31.56
N ASN A 80 28.26 -22.96 30.29
CA ASN A 80 29.29 -22.97 29.27
C ASN A 80 28.61 -22.58 27.97
N VAL A 81 28.71 -21.30 27.61
CA VAL A 81 28.10 -20.82 26.39
C VAL A 81 28.84 -21.44 25.23
N GLN A 82 28.15 -21.59 24.10
CA GLN A 82 28.76 -22.14 22.90
C GLN A 82 27.90 -21.75 21.70
N SER A 83 28.16 -22.37 20.55
CA SER A 83 27.42 -22.08 19.33
C SER A 83 26.68 -23.32 18.81
N ASN A 97 35.26 -24.50 26.38
CA ASN A 97 35.39 -23.84 27.69
C ASN A 97 35.13 -22.32 27.61
N GLY A 98 34.03 -21.94 26.94
CA GLY A 98 33.68 -20.53 26.77
C GLY A 98 33.54 -19.73 28.05
N GLY A 99 32.32 -19.31 28.36
CA GLY A 99 32.07 -18.54 29.56
C GLY A 99 30.90 -19.10 30.37
N ASN A 100 30.76 -18.68 31.63
CA ASN A 100 29.68 -19.16 32.49
C ASN A 100 28.71 -18.01 32.82
N VAL A 101 27.75 -17.80 31.94
CA VAL A 101 26.78 -16.73 32.10
C VAL A 101 25.94 -16.90 33.37
N LEU A 102 25.72 -18.12 33.84
CA LEU A 102 24.94 -18.30 35.06
C LEU A 102 25.69 -17.64 36.20
N GLN A 103 26.98 -17.97 36.31
CA GLN A 103 27.82 -17.44 37.36
C GLN A 103 27.94 -15.91 37.29
N MET A 104 28.04 -15.38 36.08
CA MET A 104 28.15 -13.95 35.89
C MET A 104 26.93 -13.23 36.49
N MET A 105 25.75 -13.82 36.31
CA MET A 105 24.54 -13.21 36.85
C MET A 105 24.57 -13.18 38.34
N TYR A 106 25.11 -14.24 38.92
CA TYR A 106 25.19 -14.35 40.36
C TYR A 106 26.21 -13.40 40.95
N GLU A 107 27.38 -13.34 40.33
CA GLU A 107 28.43 -12.47 40.80
C GLU A 107 28.03 -11.00 40.69
N LYS A 108 27.47 -10.60 39.56
CA LYS A 108 27.08 -9.21 39.39
C LYS A 108 25.76 -9.08 38.66
N PRO A 109 24.65 -9.39 39.34
CA PRO A 109 23.30 -9.33 38.78
C PRO A 109 22.88 -8.00 38.15
N GLU A 110 23.16 -6.89 38.82
CA GLU A 110 22.77 -5.60 38.27
C GLU A 110 23.35 -5.38 36.88
N ARG A 111 24.21 -6.29 36.43
CA ARG A 111 24.84 -6.19 35.12
C ARG A 111 24.46 -7.30 34.13
N TRP A 112 24.35 -8.54 34.61
CA TRP A 112 24.03 -9.66 33.76
C TRP A 112 22.65 -10.30 33.95
N SER A 113 21.80 -9.71 34.79
CA SER A 113 20.47 -10.27 35.01
C SER A 113 19.71 -10.23 33.71
N PHE A 114 19.88 -9.16 32.95
CA PHE A 114 19.20 -9.08 31.68
C PHE A 114 19.79 -10.06 30.68
N THR A 115 21.06 -9.91 30.37
CA THR A 115 21.71 -10.80 29.42
C THR A 115 21.35 -12.28 29.65
N PHE A 116 21.48 -12.71 30.90
CA PHE A 116 21.17 -14.08 31.29
C PHE A 116 19.71 -14.44 31.05
N GLN A 117 18.82 -13.78 31.78
CA GLN A 117 17.39 -14.03 31.66
C GLN A 117 16.88 -14.14 30.24
N THR A 118 17.52 -13.44 29.31
CA THR A 118 17.16 -13.47 27.90
C THR A 118 17.65 -14.77 27.29
N TYR A 119 18.96 -15.01 27.38
CA TYR A 119 19.55 -16.23 26.83
C TYR A 119 18.83 -17.44 27.42
N ALA A 120 18.54 -17.36 28.71
CA ALA A 120 17.86 -18.46 29.38
C ALA A 120 16.54 -18.82 28.73
N CYS A 121 15.67 -17.84 28.53
CA CYS A 121 14.39 -18.12 27.92
C CYS A 121 14.51 -18.57 26.47
N LEU A 122 15.45 -17.97 25.74
CA LEU A 122 15.65 -18.36 24.35
C LEU A 122 16.02 -19.82 24.32
N SER A 123 17.07 -20.17 25.07
CA SER A 123 17.58 -21.53 25.13
C SER A 123 16.51 -22.55 25.46
N ARG A 124 15.56 -22.16 26.32
CA ARG A 124 14.47 -23.07 26.70
C ARG A 124 13.55 -23.31 25.52
N ILE A 125 13.10 -22.24 24.86
CA ILE A 125 12.22 -22.40 23.72
C ILE A 125 12.86 -23.31 22.68
N ARG A 126 14.11 -23.01 22.33
CA ARG A 126 14.83 -23.81 21.36
C ARG A 126 14.76 -25.29 21.71
N ALA A 127 14.91 -25.59 23.00
CA ALA A 127 14.88 -26.97 23.49
C ALA A 127 13.50 -27.63 23.52
N GLN A 128 12.51 -26.91 24.01
CA GLN A 128 11.17 -27.46 24.09
C GLN A 128 10.67 -27.70 22.68
N LEU A 129 10.87 -26.73 21.80
CA LEU A 129 10.42 -26.86 20.42
C LEU A 129 11.00 -28.06 19.74
N ALA A 130 12.25 -28.38 20.07
CA ALA A 130 12.93 -29.51 19.47
C ALA A 130 12.28 -30.82 19.90
N SER A 131 12.37 -31.13 21.19
CA SER A 131 11.78 -32.38 21.69
C SER A 131 10.34 -32.53 21.23
N LEU A 132 9.77 -31.46 20.72
CA LEU A 132 8.39 -31.47 20.24
C LEU A 132 8.29 -32.16 18.88
N ASN A 133 9.39 -32.20 18.15
CA ASN A 133 9.41 -32.84 16.83
C ASN A 133 10.17 -34.16 16.86
N GLY A 134 10.49 -34.62 18.07
CA GLY A 134 11.21 -35.86 18.24
C GLY A 134 10.40 -37.11 17.93
N LYS A 135 11.03 -38.26 18.06
CA LYS A 135 10.38 -39.54 17.77
C LYS A 135 9.07 -39.69 18.53
N LEU A 136 9.06 -39.25 19.79
CA LEU A 136 7.88 -39.32 20.62
C LEU A 136 6.62 -38.89 19.86
N LYS A 137 6.80 -37.89 19.01
CA LYS A 137 5.72 -37.32 18.21
C LYS A 137 4.75 -38.33 17.58
N ASP A 138 5.24 -39.51 17.24
CA ASP A 138 4.41 -40.53 16.60
C ASP A 138 3.96 -41.70 17.46
N ALA A 139 4.00 -41.55 18.78
CA ALA A 139 3.56 -42.62 19.67
C ALA A 139 2.04 -42.57 19.85
N GLU A 140 1.50 -43.42 20.72
CA GLU A 140 0.05 -43.45 20.91
C GLU A 140 -0.52 -42.48 21.95
N LYS A 141 -0.10 -42.62 23.20
CA LYS A 141 -0.58 -41.74 24.27
C LYS A 141 0.66 -41.06 24.85
N PRO A 142 1.26 -40.13 24.09
CA PRO A 142 2.44 -39.35 24.41
C PRO A 142 2.26 -38.24 25.43
N VAL A 143 3.31 -38.02 26.21
CA VAL A 143 3.34 -36.98 27.21
C VAL A 143 4.75 -36.44 27.31
N LEU A 144 4.87 -35.12 27.26
CA LEU A 144 6.17 -34.48 27.31
C LEU A 144 6.23 -33.58 28.55
N PHE A 145 7.19 -33.85 29.43
CA PHE A 145 7.35 -33.06 30.65
C PHE A 145 8.42 -32.00 30.53
N PHE A 146 8.06 -30.76 30.84
CA PHE A 146 8.99 -29.63 30.76
C PHE A 146 9.52 -29.30 32.15
N GLU A 147 10.82 -29.03 32.25
CA GLU A 147 11.38 -28.64 33.54
C GLU A 147 11.21 -27.12 33.42
N ARG A 148 10.21 -26.57 34.13
CA ARG A 148 9.90 -25.14 34.07
C ARG A 148 9.31 -24.74 32.73
N SER A 149 8.55 -23.65 32.69
CA SER A 149 7.98 -23.17 31.46
C SER A 149 8.44 -21.73 31.28
N VAL A 150 8.29 -21.19 30.08
CA VAL A 150 8.70 -19.82 29.84
C VAL A 150 7.94 -18.86 30.73
N TYR A 151 6.87 -19.35 31.35
CA TYR A 151 6.06 -18.51 32.21
C TYR A 151 6.76 -18.19 33.52
N SER A 152 7.38 -19.19 34.13
CA SER A 152 8.09 -18.94 35.38
C SER A 152 9.36 -18.16 35.09
N ASP A 153 9.87 -18.28 33.87
CA ASP A 153 11.06 -17.55 33.44
C ASP A 153 10.84 -16.07 33.66
N ARG A 154 9.74 -15.60 33.08
CA ARG A 154 9.36 -14.21 33.14
C ARG A 154 8.61 -13.74 34.38
N TYR A 155 7.61 -14.49 34.79
CA TYR A 155 6.81 -14.08 35.94
C TYR A 155 7.34 -14.43 37.31
N ILE A 156 8.32 -15.32 37.38
CA ILE A 156 8.91 -15.70 38.66
C ILE A 156 10.31 -15.15 38.81
N PHE A 157 11.26 -15.63 38.01
CA PHE A 157 12.65 -15.19 38.12
C PHE A 157 12.99 -13.82 37.59
N ALA A 158 12.68 -13.57 36.32
CA ALA A 158 12.98 -12.29 35.69
C ALA A 158 12.28 -11.20 36.45
N SER A 159 10.97 -11.36 36.62
CA SER A 159 10.17 -10.40 37.33
C SER A 159 10.86 -10.07 38.67
N ASN A 160 11.03 -11.08 39.52
CA ASN A 160 11.66 -10.89 40.81
C ASN A 160 13.01 -10.21 40.76
N LEU A 161 13.74 -10.40 39.66
CA LEU A 161 15.04 -9.76 39.55
C LEU A 161 14.87 -8.27 39.31
N TYR A 162 13.81 -7.91 38.59
CA TYR A 162 13.52 -6.52 38.31
C TYR A 162 13.07 -5.81 39.58
N GLU A 163 12.23 -6.48 40.36
CA GLU A 163 11.75 -5.90 41.60
C GLU A 163 12.93 -5.77 42.56
N SER A 164 13.91 -6.65 42.43
CA SER A 164 15.08 -6.61 43.29
C SER A 164 16.07 -5.58 42.77
N GLU A 165 15.61 -4.75 41.84
CA GLU A 165 16.42 -3.70 41.22
C GLU A 165 17.71 -4.17 40.58
N CYS A 166 17.59 -5.18 39.72
CA CYS A 166 18.74 -5.72 39.00
C CYS A 166 18.54 -5.50 37.51
N MET A 167 17.36 -5.01 37.15
CA MET A 167 17.04 -4.70 35.76
C MET A 167 16.37 -3.33 35.82
N ASN A 168 16.88 -2.35 35.08
CA ASN A 168 16.26 -1.04 35.10
C ASN A 168 15.04 -1.02 34.17
N GLU A 169 14.21 0.03 34.30
CA GLU A 169 13.00 0.16 33.48
C GLU A 169 13.16 -0.33 32.06
N THR A 170 14.12 0.29 31.38
CA THR A 170 14.47 -0.01 29.99
C THR A 170 14.71 -1.49 29.71
N GLU A 171 15.50 -2.13 30.57
CA GLU A 171 15.81 -3.55 30.42
C GLU A 171 14.54 -4.36 30.62
N TRP A 172 13.82 -4.10 31.69
CA TRP A 172 12.59 -4.85 31.97
C TRP A 172 11.48 -4.62 30.95
N THR A 173 11.52 -3.49 30.25
CA THR A 173 10.50 -3.21 29.24
C THR A 173 10.82 -4.06 28.03
N ILE A 174 12.07 -3.99 27.61
CA ILE A 174 12.55 -4.77 26.49
C ILE A 174 12.29 -6.25 26.73
N TYR A 175 12.66 -6.74 27.91
CA TYR A 175 12.47 -8.16 28.22
C TYR A 175 11.04 -8.59 28.02
N GLN A 176 10.10 -7.86 28.59
CA GLN A 176 8.71 -8.24 28.43
C GLN A 176 8.33 -8.19 26.97
N ASP A 177 8.68 -7.08 26.32
CA ASP A 177 8.39 -6.89 24.89
C ASP A 177 8.89 -8.07 24.08
N TRP A 178 10.17 -8.39 24.26
CA TRP A 178 10.81 -9.51 23.58
C TRP A 178 10.04 -10.81 23.84
N HIS A 179 9.83 -11.11 25.11
CA HIS A 179 9.13 -12.30 25.58
C HIS A 179 7.72 -12.41 25.04
N ASP A 180 7.00 -11.27 25.05
CA ASP A 180 5.64 -11.22 24.56
C ASP A 180 5.61 -11.66 23.11
N TRP A 181 6.53 -11.14 22.33
CA TRP A 181 6.59 -11.48 20.92
C TRP A 181 6.95 -12.95 20.72
N MET A 182 8.11 -13.36 21.21
CA MET A 182 8.57 -14.76 21.09
C MET A 182 7.45 -15.76 21.31
N ASN A 183 6.69 -15.60 22.38
CA ASN A 183 5.62 -16.55 22.66
C ASN A 183 4.34 -16.37 21.86
N ASN A 184 4.44 -15.64 20.75
CA ASN A 184 3.27 -15.43 19.91
C ASN A 184 3.50 -16.08 18.55
N GLN A 185 4.76 -16.40 18.27
CA GLN A 185 5.11 -17.07 17.03
C GLN A 185 5.07 -18.58 17.33
N PHE A 186 6.19 -19.09 17.83
CA PHE A 186 6.34 -20.50 18.16
C PHE A 186 5.48 -20.93 19.35
N GLY A 187 5.51 -20.12 20.40
CA GLY A 187 4.74 -20.43 21.59
C GLY A 187 3.34 -20.97 21.36
N GLN A 188 2.83 -20.80 20.15
CA GLN A 188 1.49 -21.25 19.78
C GLN A 188 1.30 -22.77 19.94
N SER A 189 2.42 -23.49 19.95
CA SER A 189 2.40 -24.95 20.06
C SER A 189 2.97 -25.48 21.37
N LEU A 190 3.42 -24.57 22.23
CA LEU A 190 3.99 -24.97 23.51
C LEU A 190 2.98 -24.73 24.62
N GLU A 191 1.73 -24.50 24.24
CA GLU A 191 0.67 -24.26 25.22
C GLU A 191 0.59 -25.48 26.12
N LEU A 192 0.46 -25.25 27.41
CA LEU A 192 0.42 -26.36 28.35
C LEU A 192 -0.96 -26.98 28.51
N ASP A 193 -0.99 -28.25 28.88
CA ASP A 193 -2.24 -28.95 29.08
C ASP A 193 -2.45 -29.12 30.59
N GLY A 194 -1.34 -29.02 31.33
CA GLY A 194 -1.40 -29.15 32.79
C GLY A 194 -0.09 -28.71 33.42
N ILE A 195 -0.10 -28.47 34.73
CA ILE A 195 1.09 -28.03 35.46
C ILE A 195 1.21 -28.77 36.78
N ILE A 196 2.41 -29.14 37.15
CA ILE A 196 2.63 -29.84 38.42
C ILE A 196 3.61 -29.03 39.26
N TYR A 197 3.09 -28.46 40.35
CA TYR A 197 3.88 -27.64 41.25
C TYR A 197 4.47 -28.44 42.41
N LEU A 198 5.78 -28.61 42.41
CA LEU A 198 6.45 -29.33 43.50
C LEU A 198 6.72 -28.29 44.61
N GLN A 199 5.82 -28.26 45.58
CA GLN A 199 5.89 -27.32 46.68
C GLN A 199 6.88 -27.76 47.73
N ALA A 200 7.66 -26.82 48.24
CA ALA A 200 8.66 -27.12 49.25
C ALA A 200 9.19 -25.86 49.87
N THR A 201 9.27 -25.86 51.20
CA THR A 201 9.78 -24.69 51.91
C THR A 201 11.14 -24.25 51.38
N PRO A 202 11.37 -22.93 51.26
CA PRO A 202 12.64 -22.42 50.77
C PRO A 202 13.81 -22.96 51.57
N GLU A 203 13.59 -23.30 52.82
CA GLU A 203 14.66 -23.84 53.63
C GLU A 203 15.04 -25.22 53.07
N THR A 204 14.04 -26.04 52.78
CA THR A 204 14.27 -27.36 52.22
C THR A 204 15.05 -27.21 50.92
N CYS A 205 14.70 -26.20 50.13
CA CYS A 205 15.37 -25.98 48.87
C CYS A 205 16.80 -25.56 49.10
N LEU A 206 17.01 -24.62 50.02
CA LEU A 206 18.35 -24.14 50.31
C LEU A 206 19.23 -25.32 50.68
N HIS A 207 18.61 -26.32 51.32
CA HIS A 207 19.34 -27.50 51.73
C HIS A 207 19.72 -28.31 50.51
N ARG A 208 18.74 -28.58 49.66
CA ARG A 208 18.99 -29.36 48.46
C ARG A 208 19.94 -28.68 47.49
N ILE A 209 20.12 -27.38 47.64
CA ILE A 209 21.04 -26.64 46.77
C ILE A 209 22.44 -27.03 47.18
N TYR A 210 22.60 -27.23 48.50
CA TYR A 210 23.87 -27.62 49.10
C TYR A 210 24.13 -29.08 48.73
N LEU A 211 23.15 -29.95 49.01
CA LEU A 211 23.29 -31.38 48.70
C LEU A 211 23.67 -31.61 47.24
N ARG A 212 23.12 -30.80 46.35
CA ARG A 212 23.39 -30.90 44.92
C ARG A 212 24.83 -30.56 44.55
N GLY A 213 25.26 -29.32 44.74
CA GLY A 213 26.63 -29.00 44.41
C GLY A 213 26.88 -27.66 43.73
N ARG A 214 26.64 -27.58 42.42
CA ARG A 214 26.86 -26.36 41.64
C ARG A 214 27.50 -25.21 42.41
N ASN A 215 28.81 -25.02 42.22
CA ASN A 215 29.55 -23.97 42.91
C ASN A 215 29.13 -22.56 42.55
N GLU A 216 28.00 -22.42 41.88
CA GLU A 216 27.54 -21.08 41.50
C GLU A 216 26.46 -20.63 42.46
N GLU A 217 25.57 -21.56 42.79
CA GLU A 217 24.46 -21.31 43.65
C GLU A 217 24.80 -21.34 45.13
N GLN A 218 26.05 -21.63 45.44
CA GLN A 218 26.44 -21.71 46.83
C GLN A 218 26.36 -20.39 47.57
N GLY A 219 26.28 -19.29 46.83
CA GLY A 219 26.22 -17.97 47.45
C GLY A 219 24.80 -17.52 47.73
N ILE A 220 23.84 -18.27 47.20
CA ILE A 220 22.43 -17.94 47.38
C ILE A 220 21.99 -17.99 48.82
N PRO A 221 21.33 -16.92 49.28
CA PRO A 221 20.82 -16.76 50.63
C PRO A 221 19.35 -17.16 50.70
N LEU A 222 18.85 -17.38 51.92
CA LEU A 222 17.47 -17.78 52.10
C LEU A 222 16.53 -16.73 51.51
N GLU A 223 16.81 -15.46 51.79
CA GLU A 223 16.00 -14.35 51.30
C GLU A 223 15.61 -14.56 49.84
N TYR A 224 16.60 -14.80 48.99
CA TYR A 224 16.35 -15.02 47.57
C TYR A 224 15.37 -16.13 47.33
N LEU A 225 15.62 -17.29 47.93
CA LEU A 225 14.73 -18.43 47.76
C LEU A 225 13.36 -18.13 48.30
N GLU A 226 13.31 -17.37 49.39
CA GLU A 226 12.05 -17.00 49.99
C GLU A 226 11.25 -16.15 49.02
N LYS A 227 11.85 -15.10 48.48
CA LYS A 227 11.18 -14.22 47.53
C LYS A 227 10.64 -15.06 46.38
N LEU A 228 11.47 -15.94 45.85
CA LEU A 228 11.08 -16.82 44.75
C LEU A 228 9.96 -17.79 45.14
N HIS A 229 9.87 -18.11 46.42
CA HIS A 229 8.87 -19.05 46.88
C HIS A 229 7.49 -18.41 46.81
N TYR A 230 7.38 -17.22 47.41
CA TYR A 230 6.13 -16.49 47.42
C TYR A 230 5.66 -16.30 46.01
N LYS A 231 6.58 -16.04 45.10
CA LYS A 231 6.20 -15.87 43.70
C LYS A 231 5.50 -17.13 43.21
N HIS A 232 6.08 -18.30 43.50
CA HIS A 232 5.45 -19.53 43.07
C HIS A 232 4.07 -19.66 43.70
N GLU A 233 4.01 -19.54 45.03
CA GLU A 233 2.75 -19.62 45.76
C GLU A 233 1.67 -18.73 45.16
N SER A 234 2.00 -17.48 44.95
CA SER A 234 1.06 -16.53 44.40
C SER A 234 0.53 -16.94 43.04
N TRP A 235 1.39 -17.54 42.22
CA TRP A 235 0.98 -17.92 40.89
C TRP A 235 0.25 -19.25 40.73
N LEU A 236 0.77 -20.29 41.35
CA LEU A 236 0.18 -21.61 41.20
C LEU A 236 -0.74 -22.08 42.29
N LEU A 237 -0.62 -21.50 43.47
CA LEU A 237 -1.48 -21.89 44.58
C LEU A 237 -2.65 -20.96 44.79
N HIS A 238 -2.38 -19.69 45.08
CA HIS A 238 -3.45 -18.72 45.29
C HIS A 238 -4.01 -18.20 43.98
N ARG A 239 -3.30 -18.49 42.88
CA ARG A 239 -3.66 -18.08 41.52
C ARG A 239 -4.04 -16.62 41.37
N THR A 240 -3.43 -15.76 42.20
CA THR A 240 -3.71 -14.34 42.15
C THR A 240 -2.72 -13.65 41.24
N LEU A 241 -1.52 -14.21 41.11
CA LEU A 241 -0.50 -13.60 40.24
C LEU A 241 -1.00 -13.62 38.79
N LYS A 242 -1.28 -12.44 38.27
CA LYS A 242 -1.81 -12.33 36.92
C LYS A 242 -0.73 -12.37 35.85
N THR A 243 -1.03 -13.07 34.76
CA THR A 243 -0.11 -13.20 33.63
C THR A 243 -0.42 -12.23 32.50
N ASN A 244 -0.32 -12.74 31.28
CA ASN A 244 -0.56 -11.96 30.09
C ASN A 244 -0.94 -12.97 29.01
N PHE A 245 -1.24 -14.18 29.45
CA PHE A 245 -1.63 -15.27 28.58
C PHE A 245 -2.93 -15.80 29.15
N ASP A 246 -4.04 -15.21 28.74
CA ASP A 246 -5.38 -15.55 29.23
C ASP A 246 -5.86 -16.99 29.15
N TYR A 247 -4.98 -17.90 28.74
CA TYR A 247 -5.37 -19.29 28.65
C TYR A 247 -4.95 -20.07 29.90
N LEU A 248 -3.84 -19.65 30.53
CA LEU A 248 -3.37 -20.32 31.75
C LEU A 248 -4.49 -20.28 32.76
N GLN A 249 -5.45 -19.41 32.48
CA GLN A 249 -6.61 -19.20 33.32
C GLN A 249 -7.35 -20.50 33.60
N GLU A 250 -7.54 -21.30 32.56
CA GLU A 250 -8.25 -22.58 32.67
C GLU A 250 -7.32 -23.78 32.52
N VAL A 251 -6.21 -23.78 33.24
CA VAL A 251 -5.26 -24.89 33.19
C VAL A 251 -5.14 -25.57 34.55
N PRO A 252 -5.27 -26.90 34.57
CA PRO A 252 -5.20 -27.76 35.74
C PRO A 252 -3.86 -27.68 36.46
N ILE A 253 -3.88 -27.70 37.81
CA ILE A 253 -2.63 -27.63 38.57
C ILE A 253 -2.56 -28.56 39.78
N LEU A 254 -1.75 -29.61 39.65
CA LEU A 254 -1.56 -30.55 40.75
C LEU A 254 -0.41 -30.09 41.62
N THR A 255 -0.65 -29.90 42.91
CA THR A 255 0.40 -29.47 43.82
C THR A 255 0.79 -30.64 44.74
N LEU A 256 2.09 -30.88 44.88
CA LEU A 256 2.57 -31.99 45.72
C LEU A 256 3.59 -31.54 46.74
N ASP A 257 3.42 -31.95 48.00
CA ASP A 257 4.38 -31.58 49.02
C ASP A 257 5.60 -32.48 48.89
N VAL A 258 6.74 -31.88 48.55
CA VAL A 258 7.95 -32.63 48.36
C VAL A 258 9.02 -32.25 49.36
N ASN A 259 8.61 -32.01 50.61
CA ASN A 259 9.56 -31.64 51.66
C ASN A 259 10.27 -32.87 52.23
N GLU A 260 9.62 -34.02 52.14
CA GLU A 260 10.18 -35.29 52.62
C GLU A 260 10.84 -35.96 51.44
N ASP A 261 11.81 -36.83 51.69
CA ASP A 261 12.52 -37.52 50.62
C ASP A 261 11.67 -38.19 49.52
N PHE A 262 12.31 -38.51 48.39
CA PHE A 262 11.62 -39.12 47.25
C PHE A 262 11.95 -40.57 47.03
N LYS A 263 13.22 -40.87 46.80
CA LYS A 263 13.68 -42.23 46.55
C LYS A 263 12.98 -43.28 47.43
N ASP A 264 12.19 -42.82 48.39
CA ASP A 264 11.45 -43.69 49.30
C ASP A 264 9.95 -43.61 49.02
N LYS A 265 9.32 -42.60 49.63
CA LYS A 265 7.88 -42.33 49.51
C LYS A 265 7.39 -42.03 48.09
N TYR A 266 8.30 -41.99 47.12
CA TYR A 266 7.90 -41.64 45.77
C TYR A 266 6.76 -42.44 45.16
N GLU A 267 6.25 -43.43 45.90
CA GLU A 267 5.13 -44.25 45.40
C GLU A 267 3.85 -43.43 45.39
N SER A 268 3.54 -42.84 46.54
CA SER A 268 2.35 -42.02 46.71
C SER A 268 2.21 -40.93 45.65
N LEU A 269 3.29 -40.18 45.46
CA LEU A 269 3.31 -39.08 44.52
C LEU A 269 2.92 -39.52 43.12
N VAL A 270 3.54 -40.58 42.63
CA VAL A 270 3.23 -41.08 41.30
C VAL A 270 1.75 -41.39 41.12
N GLU A 271 1.17 -42.03 42.13
CA GLU A 271 -0.25 -42.37 42.09
C GLU A 271 -1.06 -41.13 41.75
N LYS A 272 -0.85 -40.07 42.53
CA LYS A 272 -1.54 -38.80 42.35
C LYS A 272 -1.32 -38.20 40.96
N VAL A 273 -0.17 -38.48 40.36
CA VAL A 273 0.13 -37.96 39.03
C VAL A 273 -0.62 -38.73 37.95
N LYS A 274 -0.59 -40.06 38.04
CA LYS A 274 -1.30 -40.89 37.08
C LYS A 274 -2.75 -40.42 37.08
N GLU A 275 -3.27 -40.22 38.30
CA GLU A 275 -4.64 -39.76 38.56
C GLU A 275 -4.93 -38.46 37.81
N PHE A 276 -4.06 -37.48 38.01
CA PHE A 276 -4.14 -36.15 37.41
C PHE A 276 -4.16 -36.19 35.89
N LEU A 277 -3.24 -36.94 35.29
CA LEU A 277 -3.14 -37.05 33.85
C LEU A 277 -4.36 -37.72 33.24
N SER A 278 -4.94 -38.67 33.98
CA SER A 278 -6.11 -39.39 33.53
C SER A 278 -7.31 -38.47 33.29
N THR A 279 -7.23 -37.26 33.81
CA THR A 279 -8.31 -36.29 33.67
C THR A 279 -7.92 -35.11 32.78
N LEU A 280 -7.38 -35.39 31.59
CA LEU A 280 -6.97 -34.32 30.69
C LEU A 280 -7.39 -34.60 29.24
N ARG B 40 6.56 -13.34 -2.37
CA ARG B 40 6.26 -13.08 -3.82
C ARG B 40 6.88 -11.76 -4.25
N ILE B 41 7.35 -10.99 -3.28
CA ILE B 41 7.90 -9.67 -3.53
C ILE B 41 9.40 -9.62 -3.68
N LYS B 42 9.90 -8.75 -4.55
CA LYS B 42 11.34 -8.60 -4.72
C LYS B 42 11.81 -7.73 -3.55
N LYS B 43 12.80 -8.21 -2.80
CA LYS B 43 13.34 -7.48 -1.65
C LYS B 43 14.72 -6.91 -1.91
N ILE B 44 14.82 -5.58 -1.88
CA ILE B 44 16.09 -4.89 -2.12
C ILE B 44 16.55 -4.18 -0.85
N SER B 45 17.82 -4.36 -0.48
CA SER B 45 18.35 -3.73 0.72
C SER B 45 19.18 -2.50 0.39
N ILE B 46 19.01 -1.43 1.16
CA ILE B 46 19.76 -0.21 0.94
C ILE B 46 20.80 0.02 2.03
N GLU B 47 22.03 -0.41 1.74
CA GLU B 47 23.13 -0.29 2.67
C GLU B 47 23.85 1.03 2.55
N GLY B 48 24.36 1.53 3.68
CA GLY B 48 25.08 2.79 3.67
C GLY B 48 25.63 3.05 5.04
N ASN B 49 26.46 4.08 5.17
CA ASN B 49 27.03 4.41 6.47
C ASN B 49 25.97 5.21 7.23
N ILE B 50 26.34 5.76 8.37
CA ILE B 50 25.41 6.55 9.17
C ILE B 50 25.24 7.88 8.50
N ALA B 51 24.00 8.24 8.22
CA ALA B 51 23.69 9.52 7.61
C ALA B 51 24.19 9.62 6.17
N ALA B 52 24.38 8.47 5.52
CA ALA B 52 24.83 8.48 4.14
C ALA B 52 23.67 9.03 3.32
N GLY B 53 22.46 8.61 3.66
CA GLY B 53 21.27 9.09 2.97
C GLY B 53 20.34 8.06 2.36
N LYS B 54 20.11 6.93 3.03
CA LYS B 54 19.20 5.91 2.51
C LYS B 54 17.79 6.49 2.52
N SER B 55 17.33 6.85 3.72
CA SER B 55 16.01 7.41 3.91
C SER B 55 15.77 8.43 2.80
N THR B 56 16.63 9.44 2.74
CA THR B 56 16.52 10.48 1.72
C THR B 56 16.39 9.91 0.31
N PHE B 57 17.31 9.01 -0.04
CA PHE B 57 17.34 8.40 -1.35
C PHE B 57 16.14 7.50 -1.65
N VAL B 58 15.68 6.76 -0.64
CA VAL B 58 14.57 5.86 -0.88
C VAL B 58 13.26 6.62 -1.08
N ASN B 59 13.06 7.70 -0.32
CA ASN B 59 11.84 8.48 -0.45
C ASN B 59 11.63 8.99 -1.86
N ILE B 60 12.74 9.18 -2.56
CA ILE B 60 12.70 9.63 -3.93
C ILE B 60 12.19 8.51 -4.80
N LEU B 61 12.55 7.28 -4.46
CA LEU B 61 12.08 6.13 -5.22
C LEU B 61 10.67 5.77 -4.80
N LYS B 62 10.40 5.83 -3.49
CA LYS B 62 9.08 5.51 -2.95
C LYS B 62 7.97 6.16 -3.80
N GLN B 63 8.16 7.44 -4.12
CA GLN B 63 7.19 8.16 -4.92
C GLN B 63 7.57 8.09 -6.39
N LEU B 64 7.42 6.89 -6.95
CA LEU B 64 7.72 6.65 -8.35
C LEU B 64 7.04 5.34 -8.72
N CYS B 65 6.10 4.92 -7.86
CA CYS B 65 5.35 3.69 -8.08
C CYS B 65 4.55 3.33 -6.82
N GLU B 66 3.36 2.77 -7.04
CA GLU B 66 2.50 2.36 -5.94
C GLU B 66 2.83 0.93 -5.54
N ASP B 67 3.72 0.32 -6.31
CA ASP B 67 4.14 -1.05 -6.05
C ASP B 67 5.56 -1.05 -5.47
N TRP B 68 5.93 0.09 -4.87
CA TRP B 68 7.24 0.29 -4.25
C TRP B 68 7.02 0.86 -2.85
N GLU B 69 7.22 0.02 -1.83
CA GLU B 69 7.05 0.39 -0.43
C GLU B 69 8.41 0.45 0.27
N VAL B 70 8.44 0.95 1.51
CA VAL B 70 9.68 1.06 2.26
C VAL B 70 9.55 0.56 3.70
N VAL B 71 10.65 0.06 4.25
CA VAL B 71 10.68 -0.44 5.63
C VAL B 71 11.87 0.17 6.33
N PRO B 72 11.67 1.33 6.95
CA PRO B 72 12.67 2.11 7.68
C PRO B 72 13.17 1.43 8.96
N GLU B 73 14.40 1.77 9.35
CA GLU B 73 14.94 1.23 10.58
C GLU B 73 14.04 1.80 11.64
N PRO B 74 13.60 0.98 12.59
CA PRO B 74 12.73 1.52 13.62
C PRO B 74 13.51 2.37 14.62
N VAL B 75 14.32 3.30 14.11
CA VAL B 75 15.14 4.16 14.97
C VAL B 75 14.25 4.93 15.93
N ALA B 76 12.96 4.99 15.61
CA ALA B 76 12.00 5.68 16.46
C ALA B 76 11.94 4.98 17.81
N ARG B 77 11.58 3.70 17.80
CA ARG B 77 11.47 2.91 19.01
C ARG B 77 12.77 2.71 19.75
N TRP B 78 13.90 3.01 19.11
CA TRP B 78 15.20 2.84 19.76
C TRP B 78 15.47 4.01 20.68
N CYS B 79 14.86 5.15 20.38
CA CYS B 79 15.05 6.34 21.19
C CYS B 79 13.98 6.45 22.27
N ASN B 80 13.00 5.56 22.19
CA ASN B 80 11.93 5.54 23.17
C ASN B 80 11.37 4.13 23.21
N VAL B 81 11.77 3.41 24.24
CA VAL B 81 11.36 2.03 24.35
C VAL B 81 9.94 1.82 24.78
N GLN B 82 9.42 2.71 25.62
CA GLN B 82 8.05 2.54 26.07
C GLN B 82 7.08 2.62 24.90
N SER B 83 7.01 3.78 24.25
CA SER B 83 6.11 4.03 23.11
C SER B 83 4.64 4.11 23.56
N ASN B 97 6.21 7.73 27.04
CA ASN B 97 7.54 8.27 27.25
C ASN B 97 8.37 7.27 28.07
N GLY B 98 9.61 7.03 27.64
CA GLY B 98 10.47 6.10 28.34
C GLY B 98 11.97 6.31 28.17
N GLY B 99 12.72 5.20 28.17
CA GLY B 99 14.17 5.26 28.05
C GLY B 99 14.72 5.18 26.63
N ASN B 100 15.86 5.83 26.44
CA ASN B 100 16.54 5.92 25.15
C ASN B 100 17.75 4.99 25.06
N VAL B 101 17.49 3.75 24.65
CA VAL B 101 18.54 2.75 24.54
C VAL B 101 19.63 3.15 23.55
N LEU B 102 19.29 3.92 22.53
CA LEU B 102 20.31 4.34 21.57
C LEU B 102 21.33 5.20 22.29
N GLN B 103 20.85 6.18 23.02
CA GLN B 103 21.72 7.07 23.75
C GLN B 103 22.55 6.32 24.77
N MET B 104 21.93 5.36 25.45
CA MET B 104 22.63 4.57 26.46
C MET B 104 23.87 3.90 25.86
N MET B 105 23.73 3.35 24.67
CA MET B 105 24.84 2.70 24.00
C MET B 105 25.96 3.67 23.70
N TYR B 106 25.60 4.87 23.34
CA TYR B 106 26.58 5.87 23.03
C TYR B 106 27.28 6.39 24.27
N GLU B 107 26.52 6.66 25.32
CA GLU B 107 27.10 7.15 26.56
C GLU B 107 28.02 6.12 27.21
N LYS B 108 27.60 4.86 27.26
CA LYS B 108 28.43 3.82 27.87
C LYS B 108 28.33 2.51 27.09
N PRO B 109 28.98 2.44 25.93
CA PRO B 109 28.98 1.25 25.07
C PRO B 109 29.44 -0.03 25.71
N GLU B 110 30.54 -0.01 26.44
CA GLU B 110 31.05 -1.23 27.06
C GLU B 110 29.97 -1.89 27.95
N ARG B 111 28.84 -1.22 28.13
CA ARG B 111 27.74 -1.73 28.94
C ARG B 111 26.45 -2.03 28.19
N TRP B 112 26.11 -1.18 27.23
CA TRP B 112 24.87 -1.37 26.50
C TRP B 112 25.01 -1.75 25.04
N SER B 113 26.23 -1.96 24.57
CA SER B 113 26.44 -2.34 23.19
C SER B 113 25.71 -3.63 22.89
N PHE B 114 25.71 -4.54 23.85
CA PHE B 114 25.02 -5.80 23.65
C PHE B 114 23.52 -5.60 23.67
N THR B 115 23.01 -5.12 24.79
CA THR B 115 21.57 -4.92 24.95
C THR B 115 20.98 -4.24 23.72
N PHE B 116 21.60 -3.15 23.30
CA PHE B 116 21.15 -2.40 22.13
C PHE B 116 21.17 -3.24 20.86
N GLN B 117 22.37 -3.62 20.42
CA GLN B 117 22.56 -4.42 19.23
C GLN B 117 21.57 -5.56 19.09
N THR B 118 21.12 -6.12 20.21
CA THR B 118 20.17 -7.22 20.22
C THR B 118 18.79 -6.69 19.89
N TYR B 119 18.33 -5.73 20.71
CA TYR B 119 17.01 -5.12 20.52
C TYR B 119 16.89 -4.59 19.09
N ALA B 120 17.96 -3.94 18.65
CA ALA B 120 18.00 -3.36 17.32
C ALA B 120 17.72 -4.39 16.23
N CYS B 121 18.39 -5.53 16.26
CA CYS B 121 18.15 -6.52 15.23
C CYS B 121 16.77 -7.15 15.38
N LEU B 122 16.32 -7.35 16.60
CA LEU B 122 15.02 -7.94 16.83
C LEU B 122 14.00 -7.02 16.21
N SER B 123 14.06 -5.76 16.61
CA SER B 123 13.12 -4.73 16.12
C SER B 123 13.04 -4.66 14.60
N ARG B 124 14.18 -4.84 13.94
CA ARG B 124 14.21 -4.79 12.49
C ARG B 124 13.46 -5.98 11.91
N ILE B 125 13.78 -7.19 12.37
CA ILE B 125 13.09 -8.35 11.84
C ILE B 125 11.58 -8.17 12.00
N ARG B 126 11.15 -7.79 13.19
CA ARG B 126 9.73 -7.61 13.45
C ARG B 126 9.11 -6.71 12.41
N ALA B 127 9.85 -5.66 12.05
CA ALA B 127 9.38 -4.68 11.06
C ALA B 127 9.40 -5.14 9.62
N GLN B 128 10.48 -5.78 9.20
CA GLN B 128 10.59 -6.24 7.83
C GLN B 128 9.54 -7.31 7.60
N LEU B 129 9.42 -8.23 8.54
CA LEU B 129 8.45 -9.32 8.42
C LEU B 129 7.02 -8.82 8.27
N ALA B 130 6.71 -7.72 8.96
CA ALA B 130 5.38 -7.13 8.90
C ALA B 130 5.10 -6.60 7.50
N SER B 131 5.84 -5.56 7.09
CA SER B 131 5.64 -4.97 5.77
C SER B 131 5.61 -6.04 4.69
N LEU B 132 6.06 -7.23 5.04
CA LEU B 132 6.09 -8.35 4.10
C LEU B 132 4.73 -8.94 3.90
N ASN B 133 3.81 -8.73 4.86
CA ASN B 133 2.45 -9.24 4.74
C ASN B 133 1.44 -8.12 4.48
N GLY B 134 1.96 -6.94 4.18
CA GLY B 134 1.12 -5.79 3.92
C GLY B 134 0.35 -5.86 2.61
N LYS B 135 -0.44 -4.83 2.34
CA LYS B 135 -1.23 -4.75 1.13
C LYS B 135 -0.36 -4.96 -0.12
N LEU B 136 0.84 -4.38 -0.12
CA LEU B 136 1.77 -4.52 -1.23
C LEU B 136 1.82 -5.96 -1.76
N LYS B 137 1.78 -6.90 -0.83
CA LYS B 137 1.83 -8.33 -1.13
C LYS B 137 1.03 -8.81 -2.34
N ASP B 138 -0.08 -8.15 -2.64
CA ASP B 138 -0.94 -8.56 -3.76
C ASP B 138 -0.88 -7.68 -5.02
N ALA B 139 0.17 -6.87 -5.16
CA ALA B 139 0.29 -6.03 -6.34
C ALA B 139 0.91 -6.85 -7.49
N GLU B 140 1.19 -6.20 -8.62
CA GLU B 140 1.72 -6.91 -9.78
C GLU B 140 3.24 -7.08 -9.82
N LYS B 141 3.96 -5.97 -9.87
CA LYS B 141 5.42 -5.98 -9.92
C LYS B 141 5.91 -5.21 -8.68
N PRO B 142 5.74 -5.82 -7.50
CA PRO B 142 6.11 -5.29 -6.18
C PRO B 142 7.60 -5.31 -5.84
N VAL B 143 8.00 -4.31 -5.07
CA VAL B 143 9.37 -4.19 -4.63
C VAL B 143 9.36 -3.53 -3.25
N LEU B 144 10.09 -4.15 -2.33
CA LEU B 144 10.14 -3.67 -0.97
C LEU B 144 11.59 -3.29 -0.63
N PHE B 145 11.82 -2.03 -0.28
CA PHE B 145 13.16 -1.54 0.06
C PHE B 145 13.38 -1.50 1.56
N PHE B 146 14.46 -2.15 2.00
CA PHE B 146 14.83 -2.21 3.41
C PHE B 146 15.91 -1.18 3.72
N GLU B 147 15.78 -0.47 4.84
CA GLU B 147 16.82 0.48 5.23
C GLU B 147 17.69 -0.45 6.08
N ARG B 148 18.85 -0.87 5.53
CA ARG B 148 19.78 -1.80 6.18
C ARG B 148 19.20 -3.21 6.26
N SER B 149 20.07 -4.19 6.38
CA SER B 149 19.59 -5.57 6.50
C SER B 149 20.19 -6.12 7.78
N VAL B 150 19.66 -7.23 8.27
CA VAL B 150 20.19 -7.83 9.49
C VAL B 150 21.66 -8.19 9.32
N TYR B 151 22.14 -8.20 8.07
CA TYR B 151 23.52 -8.54 7.80
C TYR B 151 24.47 -7.45 8.22
N SER B 152 24.15 -6.19 7.95
CA SER B 152 25.01 -5.11 8.36
C SER B 152 24.89 -4.94 9.87
N ASP B 153 23.77 -5.36 10.43
CA ASP B 153 23.56 -5.28 11.88
C ASP B 153 24.69 -6.02 12.57
N ARG B 154 24.84 -7.28 12.18
CA ARG B 154 25.83 -8.17 12.74
C ARG B 154 27.26 -8.06 12.21
N TYR B 155 27.42 -8.01 10.89
CA TYR B 155 28.75 -7.93 10.29
C TYR B 155 29.41 -6.56 10.18
N ILE B 156 28.63 -5.50 10.33
CA ILE B 156 29.19 -4.15 10.28
C ILE B 156 29.24 -3.52 11.65
N PHE B 157 28.07 -3.22 12.24
CA PHE B 157 28.01 -2.55 13.54
C PHE B 157 28.34 -3.34 14.78
N ALA B 158 27.66 -4.46 14.97
CA ALA B 158 27.88 -5.32 16.14
C ALA B 158 29.30 -5.80 16.13
N SER B 159 29.70 -6.36 15.00
CA SER B 159 31.04 -6.87 14.81
C SER B 159 32.02 -5.78 15.25
N ASN B 160 31.98 -4.66 14.57
CA ASN B 160 32.88 -3.56 14.88
C ASN B 160 32.85 -3.12 16.34
N LEU B 161 31.72 -3.27 17.01
CA LEU B 161 31.67 -2.88 18.41
C LEU B 161 32.45 -3.89 19.25
N TYR B 162 32.42 -5.15 18.84
CA TYR B 162 33.15 -6.21 19.55
C TYR B 162 34.67 -6.03 19.38
N GLU B 163 35.08 -5.70 18.18
CA GLU B 163 36.50 -5.47 17.89
C GLU B 163 36.94 -4.21 18.64
N SER B 164 36.00 -3.29 18.88
CA SER B 164 36.32 -2.06 19.58
C SER B 164 36.28 -2.32 21.08
N GLU B 165 36.24 -3.60 21.44
CA GLU B 165 36.20 -4.02 22.84
C GLU B 165 35.05 -3.44 23.66
N CYS B 166 33.83 -3.59 23.15
CA CYS B 166 32.64 -3.09 23.84
C CYS B 166 31.72 -4.27 24.13
N MET B 167 32.09 -5.43 23.60
CA MET B 167 31.34 -6.67 23.85
C MET B 167 32.41 -7.70 24.17
N ASN B 168 32.30 -8.35 25.32
CA ASN B 168 33.30 -9.36 25.67
C ASN B 168 32.97 -10.67 24.99
N GLU B 169 33.93 -11.58 24.97
CA GLU B 169 33.76 -12.89 24.32
C GLU B 169 32.36 -13.47 24.46
N THR B 170 31.95 -13.64 25.71
CA THR B 170 30.65 -14.19 26.08
C THR B 170 29.48 -13.46 25.41
N GLU B 171 29.50 -12.14 25.43
CA GLU B 171 28.43 -11.35 24.82
C GLU B 171 28.44 -11.58 23.30
N TRP B 172 29.60 -11.44 22.68
CA TRP B 172 29.72 -11.61 21.23
C TRP B 172 29.43 -13.03 20.76
N THR B 173 29.57 -14.01 21.65
CA THR B 173 29.30 -15.39 21.26
C THR B 173 27.80 -15.55 21.23
N ILE B 174 27.16 -15.10 22.30
CA ILE B 174 25.71 -15.17 22.41
C ILE B 174 25.07 -14.43 21.25
N TYR B 175 25.52 -13.20 21.00
CA TYR B 175 24.94 -12.43 19.91
C TYR B 175 24.93 -13.21 18.61
N GLN B 176 26.09 -13.73 18.22
CA GLN B 176 26.17 -14.47 16.98
C GLN B 176 25.23 -15.66 17.03
N ASP B 177 25.31 -16.42 18.11
CA ASP B 177 24.47 -17.60 18.31
C ASP B 177 22.98 -17.23 18.16
N TRP B 178 22.58 -16.16 18.85
CA TRP B 178 21.20 -15.67 18.81
C TRP B 178 20.82 -15.32 17.37
N HIS B 179 21.64 -14.47 16.75
CA HIS B 179 21.46 -14.02 15.37
C HIS B 179 21.43 -15.16 14.36
N ASP B 180 22.33 -16.13 14.51
CA ASP B 180 22.39 -17.28 13.63
C ASP B 180 21.07 -18.00 13.64
N TRP B 181 20.53 -18.23 14.83
CA TRP B 181 19.25 -18.91 14.98
C TRP B 181 18.11 -18.10 14.39
N MET B 182 17.89 -16.89 14.91
CA MET B 182 16.83 -16.02 14.42
C MET B 182 16.70 -16.06 12.90
N ASN B 183 17.81 -15.87 12.19
CA ASN B 183 17.75 -15.85 10.73
C ASN B 183 17.63 -17.21 10.07
N ASN B 184 17.22 -18.21 10.82
CA ASN B 184 17.06 -19.54 10.27
C ASN B 184 15.60 -19.95 10.31
N GLN B 185 14.82 -19.22 11.10
CA GLN B 185 13.40 -19.49 11.21
C GLN B 185 12.71 -18.57 10.19
N PHE B 186 12.45 -17.33 10.62
CA PHE B 186 11.79 -16.32 9.79
C PHE B 186 12.66 -15.87 8.63
N GLY B 187 13.93 -15.57 8.93
CA GLY B 187 14.86 -15.11 7.90
C GLY B 187 14.75 -15.82 6.56
N GLN B 188 14.12 -16.99 6.54
CA GLN B 188 13.95 -17.78 5.32
C GLN B 188 13.21 -17.03 4.19
N SER B 189 12.45 -16.01 4.57
CA SER B 189 11.66 -15.23 3.63
C SER B 189 12.15 -13.80 3.48
N LEU B 190 13.20 -13.46 4.20
CA LEU B 190 13.74 -12.12 4.12
C LEU B 190 15.00 -12.12 3.26
N GLU B 191 15.21 -13.21 2.53
CA GLU B 191 16.38 -13.32 1.67
C GLU B 191 16.32 -12.19 0.65
N LEU B 192 17.45 -11.53 0.44
CA LEU B 192 17.50 -10.41 -0.50
C LEU B 192 17.64 -10.84 -1.94
N ASP B 193 17.15 -9.98 -2.84
CA ASP B 193 17.24 -10.25 -4.27
C ASP B 193 18.30 -9.32 -4.85
N GLY B 194 18.62 -8.26 -4.11
CA GLY B 194 19.62 -7.30 -4.53
C GLY B 194 19.99 -6.33 -3.42
N ILE B 195 21.09 -5.62 -3.58
CA ILE B 195 21.54 -4.67 -2.56
C ILE B 195 22.03 -3.41 -3.22
N ILE B 196 21.74 -2.26 -2.62
CA ILE B 196 22.21 -1.00 -3.17
C ILE B 196 23.05 -0.30 -2.11
N TYR B 197 24.34 -0.17 -2.40
CA TYR B 197 25.29 0.44 -1.48
C TYR B 197 25.50 1.94 -1.78
N LEU B 198 25.01 2.79 -0.89
CA LEU B 198 25.18 4.22 -1.05
C LEU B 198 26.56 4.60 -0.47
N GLN B 199 27.55 4.64 -1.34
CA GLN B 199 28.92 4.93 -0.94
C GLN B 199 29.13 6.41 -0.68
N ALA B 200 29.86 6.72 0.38
CA ALA B 200 30.12 8.11 0.73
C ALA B 200 31.21 8.20 1.79
N THR B 201 32.18 9.08 1.57
CA THR B 201 33.29 9.26 2.51
C THR B 201 32.77 9.51 3.92
N PRO B 202 33.42 8.92 4.93
CA PRO B 202 33.00 9.10 6.30
C PRO B 202 32.92 10.56 6.67
N GLU B 203 33.70 11.40 6.02
CA GLU B 203 33.65 12.81 6.34
C GLU B 203 32.30 13.37 5.90
N THR B 204 31.87 12.99 4.70
CA THR B 204 30.59 13.44 4.18
C THR B 204 29.49 12.99 5.12
N CYS B 205 29.63 11.79 5.67
CA CYS B 205 28.63 11.26 6.59
C CYS B 205 28.66 12.05 7.87
N LEU B 206 29.85 12.30 8.39
CA LEU B 206 29.96 13.04 9.63
C LEU B 206 29.28 14.39 9.49
N HIS B 207 29.33 14.93 8.28
CA HIS B 207 28.70 16.22 8.01
C HIS B 207 27.19 16.06 8.05
N ARG B 208 26.67 15.09 7.31
CA ARG B 208 25.24 14.86 7.29
C ARG B 208 24.66 14.45 8.64
N ILE B 209 25.52 14.02 9.56
CA ILE B 209 25.07 13.62 10.89
C ILE B 209 24.74 14.91 11.63
N TYR B 210 25.51 15.94 11.32
CA TYR B 210 25.34 17.24 11.92
C TYR B 210 24.11 17.88 11.28
N LEU B 211 24.08 17.94 9.95
CA LEU B 211 22.94 18.53 9.25
C LEU B 211 21.62 17.94 9.69
N ARG B 212 21.61 16.64 9.99
CA ARG B 212 20.41 15.93 10.43
C ARG B 212 19.92 16.41 11.80
N GLY B 213 20.68 16.15 12.86
CA GLY B 213 20.24 16.58 14.17
C GLY B 213 20.48 15.63 15.33
N ARG B 214 19.63 14.62 15.48
CA ARG B 214 19.74 13.64 16.56
C ARG B 214 20.82 13.95 17.59
N ASN B 215 20.42 14.49 18.74
CA ASN B 215 21.36 14.84 19.81
C ASN B 215 22.08 13.68 20.46
N GLU B 216 21.99 12.50 19.84
CA GLU B 216 22.64 11.32 20.38
C GLU B 216 23.95 11.07 19.64
N GLU B 217 23.87 11.22 18.32
CA GLU B 217 25.00 10.98 17.44
C GLU B 217 25.98 12.15 17.35
N GLN B 218 25.68 13.24 18.05
CA GLN B 218 26.55 14.40 18.01
C GLN B 218 27.91 14.16 18.63
N GLY B 219 28.03 13.09 19.40
CA GLY B 219 29.31 12.81 20.02
C GLY B 219 30.21 11.94 19.15
N ILE B 220 29.63 11.41 18.08
CA ILE B 220 30.37 10.53 17.19
C ILE B 220 31.53 11.20 16.51
N PRO B 221 32.73 10.59 16.60
CA PRO B 221 33.99 11.07 16.01
C PRO B 221 34.20 10.44 14.66
N LEU B 222 35.11 11.01 13.88
CA LEU B 222 35.39 10.49 12.55
C LEU B 222 35.87 9.05 12.62
N GLU B 223 36.78 8.76 13.55
CA GLU B 223 37.32 7.41 13.72
C GLU B 223 36.23 6.34 13.63
N TYR B 224 35.16 6.52 14.39
CA TYR B 224 34.04 5.58 14.41
C TYR B 224 33.47 5.40 13.00
N LEU B 225 33.13 6.51 12.36
CA LEU B 225 32.57 6.44 11.02
C LEU B 225 33.56 5.81 10.07
N GLU B 226 34.83 6.11 10.25
CA GLU B 226 35.87 5.56 9.40
C GLU B 226 35.88 4.05 9.52
N LYS B 227 35.97 3.55 10.76
CA LYS B 227 36.00 2.12 10.99
C LYS B 227 34.79 1.48 10.32
N LEU B 228 33.62 2.09 10.48
CA LEU B 228 32.39 1.57 9.89
C LEU B 228 32.41 1.64 8.37
N HIS B 229 33.18 2.57 7.85
CA HIS B 229 33.26 2.73 6.41
C HIS B 229 33.97 1.54 5.78
N TYR B 230 35.18 1.28 6.27
CA TYR B 230 35.99 0.17 5.77
C TYR B 230 35.17 -1.12 5.84
N LYS B 231 34.40 -1.27 6.91
CA LYS B 231 33.57 -2.45 7.06
C LYS B 231 32.66 -2.56 5.84
N HIS B 232 31.99 -1.45 5.50
CA HIS B 232 31.10 -1.46 4.35
C HIS B 232 31.87 -1.82 3.10
N GLU B 233 32.96 -1.10 2.86
CA GLU B 233 33.80 -1.32 1.69
C GLU B 233 34.22 -2.77 1.56
N SER B 234 34.72 -3.35 2.65
CA SER B 234 35.17 -4.73 2.64
C SER B 234 34.05 -5.70 2.27
N TRP B 235 32.84 -5.41 2.72
CA TRP B 235 31.73 -6.31 2.46
C TRP B 235 31.04 -6.17 1.12
N LEU B 236 30.70 -4.95 0.73
CA LEU B 236 29.96 -4.74 -0.51
C LEU B 236 30.76 -4.38 -1.74
N LEU B 237 31.95 -3.87 -1.54
CA LEU B 237 32.77 -3.48 -2.68
C LEU B 237 33.82 -4.52 -3.02
N HIS B 238 34.74 -4.76 -2.09
CA HIS B 238 35.80 -5.73 -2.33
C HIS B 238 35.30 -7.15 -2.12
N ARG B 239 34.12 -7.27 -1.54
CA ARG B 239 33.46 -8.56 -1.28
C ARG B 239 34.34 -9.62 -0.63
N THR B 240 35.32 -9.17 0.15
CA THR B 240 36.22 -10.08 0.86
C THR B 240 35.68 -10.41 2.24
N LEU B 241 34.88 -9.53 2.81
CA LEU B 241 34.31 -9.77 4.15
C LEU B 241 33.38 -10.96 4.07
N LYS B 242 33.79 -12.04 4.72
CA LYS B 242 33.02 -13.26 4.71
C LYS B 242 31.89 -13.30 5.73
N THR B 243 30.73 -13.80 5.30
CA THR B 243 29.54 -13.92 6.14
C THR B 243 29.39 -15.30 6.75
N ASN B 244 28.15 -15.76 6.77
CA ASN B 244 27.80 -17.06 7.33
C ASN B 244 26.51 -17.46 6.66
N PHE B 245 26.19 -16.75 5.58
CA PHE B 245 25.00 -17.00 4.78
C PHE B 245 25.49 -17.13 3.34
N ASP B 246 25.84 -18.36 2.97
CA ASP B 246 26.38 -18.67 1.65
C ASP B 246 25.59 -18.28 0.42
N TYR B 247 24.47 -17.58 0.60
CA TYR B 247 23.67 -17.16 -0.54
C TYR B 247 24.00 -15.73 -0.97
N LEU B 248 24.41 -14.89 -0.01
CA LEU B 248 24.77 -13.50 -0.33
C LEU B 248 25.87 -13.55 -1.38
N GLN B 249 26.46 -14.73 -1.50
CA GLN B 249 27.55 -14.98 -2.44
C GLN B 249 27.17 -14.59 -3.86
N GLU B 250 25.97 -14.98 -4.27
CA GLU B 250 25.47 -14.68 -5.61
C GLU B 250 24.37 -13.64 -5.62
N VAL B 251 24.57 -12.52 -4.93
CA VAL B 251 23.59 -11.43 -4.90
C VAL B 251 24.15 -10.14 -5.51
N PRO B 252 23.41 -9.57 -6.46
CA PRO B 252 23.73 -8.35 -7.19
C PRO B 252 23.94 -7.13 -6.29
N ILE B 253 24.93 -6.30 -6.61
CA ILE B 253 25.19 -5.10 -5.81
C ILE B 253 25.48 -3.82 -6.58
N LEU B 254 24.52 -2.91 -6.61
CA LEU B 254 24.73 -1.64 -7.28
C LEU B 254 25.31 -0.63 -6.31
N THR B 255 26.45 -0.04 -6.65
CA THR B 255 27.08 0.96 -5.79
C THR B 255 26.95 2.34 -6.41
N LEU B 256 26.49 3.32 -5.63
CA LEU B 256 26.32 4.69 -6.13
C LEU B 256 27.05 5.74 -5.30
N ASP B 257 27.80 6.62 -5.95
CA ASP B 257 28.49 7.65 -5.20
C ASP B 257 27.50 8.71 -4.80
N VAL B 258 27.28 8.86 -3.51
CA VAL B 258 26.33 9.85 -3.02
C VAL B 258 26.99 10.94 -2.18
N ASN B 259 28.17 11.38 -2.62
CA ASN B 259 28.91 12.42 -1.91
C ASN B 259 28.38 13.81 -2.27
N GLU B 260 27.83 13.95 -3.46
CA GLU B 260 27.27 15.21 -3.94
C GLU B 260 25.78 15.19 -3.59
N ASP B 261 25.16 16.35 -3.45
CA ASP B 261 23.74 16.44 -3.11
C ASP B 261 22.75 15.55 -3.92
N PHE B 262 21.54 15.37 -3.39
CA PHE B 262 20.53 14.54 -4.05
C PHE B 262 19.39 15.32 -4.66
N LYS B 263 18.69 16.08 -3.83
CA LYS B 263 17.53 16.87 -4.27
C LYS B 263 17.76 17.55 -5.64
N ASP B 264 18.97 17.43 -6.16
CA ASP B 264 19.31 18.02 -7.45
C ASP B 264 19.59 16.91 -8.47
N LYS B 265 20.83 16.42 -8.44
CA LYS B 265 21.33 15.37 -9.34
C LYS B 265 20.61 14.03 -9.22
N TYR B 266 19.64 13.94 -8.31
CA TYR B 266 18.96 12.67 -8.10
C TYR B 266 18.34 11.98 -9.33
N GLU B 267 18.44 12.64 -10.48
CA GLU B 267 17.90 12.07 -11.72
C GLU B 267 18.75 10.90 -12.19
N SER B 268 20.05 11.15 -12.29
CA SER B 268 21.02 10.16 -12.72
C SER B 268 20.95 8.89 -11.92
N LEU B 269 20.95 9.03 -10.60
CA LEU B 269 20.91 7.89 -9.70
C LEU B 269 19.72 6.96 -9.96
N VAL B 270 18.54 7.54 -10.06
CA VAL B 270 17.33 6.77 -10.31
C VAL B 270 17.45 5.94 -11.58
N GLU B 271 17.97 6.56 -12.63
CA GLU B 271 18.14 5.87 -13.91
C GLU B 271 18.88 4.56 -13.67
N LYS B 272 20.04 4.65 -13.02
CA LYS B 272 20.86 3.49 -12.71
C LYS B 272 20.14 2.44 -11.87
N VAL B 273 19.20 2.87 -11.05
CA VAL B 273 18.45 1.94 -10.21
C VAL B 273 17.40 1.19 -11.02
N LYS B 274 16.65 1.93 -11.84
CA LYS B 274 15.63 1.29 -12.68
C LYS B 274 16.33 0.23 -13.49
N GLU B 275 17.51 0.59 -14.00
CA GLU B 275 18.36 -0.28 -14.80
C GLU B 275 18.67 -1.58 -14.06
N PHE B 276 19.17 -1.40 -12.84
CA PHE B 276 19.56 -2.48 -11.96
C PHE B 276 18.43 -3.45 -11.68
N LEU B 277 17.27 -2.91 -11.31
CA LEU B 277 16.10 -3.73 -11.00
C LEU B 277 15.59 -4.52 -12.21
N SER B 278 15.74 -3.92 -13.39
CA SER B 278 15.29 -4.53 -14.63
C SER B 278 16.02 -5.84 -14.90
N THR B 279 17.12 -6.07 -14.20
CA THR B 279 17.92 -7.27 -14.38
C THR B 279 17.86 -8.20 -13.17
N LEU B 280 16.66 -8.49 -12.68
CA LEU B 280 16.52 -9.36 -11.51
C LEU B 280 15.41 -10.38 -11.68
N ARG C 40 -24.02 -9.87 -13.83
CA ARG C 40 -24.43 -11.18 -13.19
C ARG C 40 -23.76 -11.33 -11.81
N ILE C 41 -22.71 -10.54 -11.62
CA ILE C 41 -21.94 -10.52 -10.39
C ILE C 41 -22.48 -9.52 -9.39
N LYS C 42 -22.35 -9.81 -8.09
CA LYS C 42 -22.80 -8.87 -7.07
C LYS C 42 -21.71 -7.79 -6.94
N LYS C 43 -22.09 -6.53 -7.07
CA LYS C 43 -21.14 -5.41 -7.00
C LYS C 43 -21.27 -4.63 -5.70
N ILE C 44 -20.22 -4.65 -4.89
CA ILE C 44 -20.21 -3.94 -3.63
C ILE C 44 -19.19 -2.78 -3.69
N SER C 45 -19.59 -1.60 -3.23
CA SER C 45 -18.70 -0.44 -3.24
C SER C 45 -18.16 -0.16 -1.85
N ILE C 46 -16.86 0.16 -1.78
CA ILE C 46 -16.22 0.47 -0.50
C ILE C 46 -15.89 1.96 -0.38
N GLU C 47 -16.79 2.68 0.27
CA GLU C 47 -16.64 4.11 0.45
C GLU C 47 -15.88 4.43 1.72
N GLY C 48 -15.10 5.51 1.66
CA GLY C 48 -14.34 5.94 2.81
C GLY C 48 -13.68 7.26 2.52
N ASN C 49 -13.07 7.87 3.51
CA ASN C 49 -12.40 9.15 3.29
C ASN C 49 -11.02 8.83 2.69
N ILE C 50 -10.17 9.84 2.57
CA ILE C 50 -8.84 9.62 2.02
C ILE C 50 -8.00 8.95 3.07
N ALA C 51 -7.42 7.81 2.71
CA ALA C 51 -6.56 7.07 3.63
C ALA C 51 -7.32 6.44 4.80
N ALA C 52 -8.60 6.26 4.62
CA ALA C 52 -9.41 5.64 5.66
C ALA C 52 -8.93 4.20 5.77
N GLY C 53 -8.72 3.57 4.61
CA GLY C 53 -8.25 2.19 4.59
C GLY C 53 -9.05 1.18 3.79
N LYS C 54 -9.56 1.57 2.62
CA LYS C 54 -10.33 0.63 1.79
C LYS C 54 -9.37 -0.46 1.27
N SER C 55 -8.37 -0.01 0.52
CA SER C 55 -7.35 -0.89 -0.03
C SER C 55 -6.95 -1.89 1.06
N THR C 56 -6.46 -1.39 2.19
CA THR C 56 -6.06 -2.24 3.29
C THR C 56 -7.13 -3.23 3.70
N PHE C 57 -8.33 -2.72 3.93
CA PHE C 57 -9.47 -3.55 4.34
C PHE C 57 -9.93 -4.55 3.28
N VAL C 58 -9.92 -4.16 2.01
CA VAL C 58 -10.36 -5.07 0.96
C VAL C 58 -9.38 -6.22 0.75
N ASN C 59 -8.08 -5.94 0.83
CA ASN C 59 -7.07 -6.98 0.63
C ASN C 59 -7.25 -8.11 1.60
N ILE C 60 -7.81 -7.79 2.75
CA ILE C 60 -8.07 -8.78 3.77
C ILE C 60 -9.22 -9.68 3.32
N LEU C 61 -10.19 -9.07 2.63
CA LEU C 61 -11.31 -9.85 2.13
C LEU C 61 -10.91 -10.56 0.86
N LYS C 62 -10.14 -9.88 0.01
CA LYS C 62 -9.70 -10.46 -1.27
C LYS C 62 -9.20 -11.87 -1.08
N GLN C 63 -8.38 -12.06 -0.04
CA GLN C 63 -7.83 -13.37 0.26
C GLN C 63 -8.71 -14.10 1.27
N LEU C 64 -9.89 -14.49 0.82
CA LEU C 64 -10.84 -15.21 1.65
C LEU C 64 -11.85 -15.87 0.71
N CYS C 65 -11.48 -15.92 -0.58
CA CYS C 65 -12.32 -16.52 -1.61
C CYS C 65 -11.76 -16.22 -3.01
N GLU C 66 -11.89 -17.19 -3.91
CA GLU C 66 -11.41 -17.03 -5.27
C GLU C 66 -12.50 -16.41 -6.13
N ASP C 67 -13.67 -16.23 -5.51
CA ASP C 67 -14.81 -15.63 -6.19
C ASP C 67 -15.02 -14.21 -5.69
N TRP C 68 -13.96 -13.62 -5.16
CA TRP C 68 -13.94 -12.26 -4.63
C TRP C 68 -12.75 -11.49 -5.23
N GLU C 69 -13.03 -10.61 -6.18
CA GLU C 69 -12.00 -9.82 -6.86
C GLU C 69 -12.09 -8.35 -6.42
N VAL C 70 -11.12 -7.53 -6.81
CA VAL C 70 -11.12 -6.11 -6.45
C VAL C 70 -10.80 -5.20 -7.62
N VAL C 71 -11.33 -3.98 -7.58
CA VAL C 71 -11.11 -3.00 -8.63
C VAL C 71 -10.69 -1.68 -7.98
N PRO C 72 -9.39 -1.51 -7.81
CA PRO C 72 -8.76 -0.34 -7.20
C PRO C 72 -8.88 0.93 -8.00
N GLU C 73 -8.86 2.07 -7.30
CA GLU C 73 -8.91 3.35 -7.99
C GLU C 73 -7.65 3.37 -8.80
N PRO C 74 -7.72 3.75 -10.07
CA PRO C 74 -6.49 3.77 -10.85
C PRO C 74 -5.59 4.96 -10.47
N VAL C 75 -5.36 5.13 -9.17
CA VAL C 75 -4.54 6.23 -8.69
C VAL C 75 -3.16 6.17 -9.31
N ALA C 76 -2.82 5.02 -9.87
CA ALA C 76 -1.53 4.82 -10.51
C ALA C 76 -1.44 5.75 -11.71
N ARG C 77 -2.36 5.58 -12.65
CA ARG C 77 -2.39 6.38 -13.86
C ARG C 77 -2.66 7.85 -13.63
N TRP C 78 -3.12 8.21 -12.44
CA TRP C 78 -3.39 9.62 -12.15
C TRP C 78 -2.09 10.35 -11.83
N CYS C 79 -1.09 9.61 -11.36
CA CYS C 79 0.19 10.21 -11.01
C CYS C 79 1.15 10.14 -12.19
N ASN C 80 0.73 9.43 -13.22
CA ASN C 80 1.52 9.32 -14.43
C ASN C 80 0.60 9.05 -15.60
N VAL C 81 0.36 10.08 -16.40
CA VAL C 81 -0.53 10.01 -17.56
C VAL C 81 0.06 9.43 -18.85
N GLN C 82 -0.19 8.14 -19.07
CA GLN C 82 0.27 7.45 -20.27
C GLN C 82 -1.00 7.23 -21.11
N SER C 83 -0.85 6.79 -22.35
CA SER C 83 -2.03 6.56 -23.20
C SER C 83 -2.20 5.09 -23.62
N ASN C 97 7.52 7.77 -17.85
CA ASN C 97 7.57 9.23 -17.77
C ASN C 97 6.31 9.87 -18.34
N GLY C 98 5.61 10.60 -17.47
CA GLY C 98 4.38 11.26 -17.86
C GLY C 98 4.11 12.42 -16.92
N GLY C 99 2.91 12.98 -16.98
CA GLY C 99 2.57 14.10 -16.13
C GLY C 99 1.76 13.66 -14.93
N ASN C 100 1.89 14.38 -13.83
CA ASN C 100 1.15 14.00 -12.62
C ASN C 100 -0.05 14.90 -12.41
N VAL C 101 -1.15 14.55 -13.05
CA VAL C 101 -2.37 15.33 -12.93
C VAL C 101 -2.90 15.42 -11.50
N LEU C 102 -2.62 14.41 -10.66
CA LEU C 102 -3.09 14.47 -9.28
C LEU C 102 -2.41 15.63 -8.59
N GLN C 103 -1.09 15.70 -8.75
CA GLN C 103 -0.30 16.76 -8.15
C GLN C 103 -0.72 18.14 -8.67
N MET C 104 -0.97 18.22 -9.97
CA MET C 104 -1.38 19.47 -10.58
C MET C 104 -2.65 20.00 -9.89
N MET C 105 -3.61 19.12 -9.60
CA MET C 105 -4.83 19.55 -8.95
C MET C 105 -4.57 20.12 -7.57
N TYR C 106 -3.63 19.48 -6.88
CA TYR C 106 -3.28 19.91 -5.55
C TYR C 106 -2.53 21.22 -5.52
N GLU C 107 -1.56 21.36 -6.43
CA GLU C 107 -0.79 22.59 -6.50
C GLU C 107 -1.64 23.78 -6.91
N LYS C 108 -2.49 23.61 -7.93
CA LYS C 108 -3.33 24.70 -8.38
C LYS C 108 -4.74 24.21 -8.75
N PRO C 109 -5.56 23.91 -7.74
CA PRO C 109 -6.94 23.43 -7.93
C PRO C 109 -7.86 24.30 -8.77
N GLU C 110 -7.86 25.61 -8.53
CA GLU C 110 -8.73 26.48 -9.30
C GLU C 110 -8.47 26.33 -10.80
N ARG C 111 -7.45 25.57 -11.18
CA ARG C 111 -7.12 25.39 -12.59
C ARG C 111 -7.28 23.95 -13.09
N TRP C 112 -6.89 22.98 -12.26
CA TRP C 112 -6.98 21.58 -12.68
C TRP C 112 -8.03 20.72 -11.99
N SER C 113 -8.84 21.30 -11.11
CA SER C 113 -9.88 20.55 -10.43
C SER C 113 -10.81 19.93 -11.45
N PHE C 114 -11.12 20.67 -12.50
CA PHE C 114 -12.00 20.15 -13.53
C PHE C 114 -11.31 19.03 -14.32
N THR C 115 -10.20 19.38 -14.97
CA THR C 115 -9.46 18.42 -15.78
C THR C 115 -9.28 17.12 -15.04
N PHE C 116 -8.79 17.20 -13.81
CA PHE C 116 -8.57 16.02 -12.98
C PHE C 116 -9.87 15.23 -12.74
N GLN C 117 -10.81 15.85 -12.02
CA GLN C 117 -12.08 15.22 -11.67
C GLN C 117 -12.76 14.49 -12.82
N THR C 118 -12.52 14.97 -14.04
CA THR C 118 -13.07 14.35 -15.24
C THR C 118 -12.30 13.08 -15.56
N TYR C 119 -11.00 13.22 -15.78
CA TYR C 119 -10.13 12.09 -16.09
C TYR C 119 -10.30 11.02 -15.04
N ALA C 120 -10.41 11.45 -13.78
CA ALA C 120 -10.56 10.53 -12.67
C ALA C 120 -11.80 9.66 -12.81
N CYS C 121 -12.95 10.26 -13.08
CA CYS C 121 -14.16 9.47 -13.21
C CYS C 121 -14.12 8.59 -14.46
N LEU C 122 -13.58 9.14 -15.54
CA LEU C 122 -13.48 8.36 -16.76
C LEU C 122 -12.67 7.11 -16.49
N SER C 123 -11.46 7.32 -15.98
CA SER C 123 -10.53 6.23 -15.67
C SER C 123 -11.17 5.16 -14.80
N ARG C 124 -12.04 5.57 -13.88
CA ARG C 124 -12.69 4.60 -12.99
C ARG C 124 -13.65 3.74 -13.77
N ILE C 125 -14.53 4.37 -14.54
CA ILE C 125 -15.48 3.60 -15.33
C ILE C 125 -14.76 2.59 -16.20
N ARG C 126 -13.75 3.05 -16.94
CA ARG C 126 -12.98 2.16 -17.80
C ARG C 126 -12.50 0.95 -17.03
N ALA C 127 -12.07 1.16 -15.79
CA ALA C 127 -11.56 0.09 -14.94
C ALA C 127 -12.61 -0.84 -14.36
N GLN C 128 -13.70 -0.28 -13.87
CA GLN C 128 -14.76 -1.11 -13.29
C GLN C 128 -15.40 -1.95 -14.38
N LEU C 129 -15.68 -1.33 -15.52
CA LEU C 129 -16.27 -2.03 -16.66
C LEU C 129 -15.44 -3.22 -17.12
N ALA C 130 -14.11 -3.05 -17.06
CA ALA C 130 -13.19 -4.11 -17.46
C ALA C 130 -13.31 -5.30 -16.51
N SER C 131 -12.91 -5.12 -15.26
CA SER C 131 -12.99 -6.20 -14.30
C SER C 131 -14.36 -6.87 -14.31
N LEU C 132 -15.33 -6.22 -14.94
CA LEU C 132 -16.68 -6.75 -15.03
C LEU C 132 -16.78 -7.89 -16.06
N ASN C 133 -15.85 -7.90 -17.02
CA ASN C 133 -15.86 -8.93 -18.04
C ASN C 133 -14.70 -9.91 -17.85
N GLY C 134 -14.07 -9.83 -16.67
CA GLY C 134 -12.95 -10.70 -16.35
C GLY C 134 -13.35 -12.13 -16.08
N LYS C 135 -12.37 -12.97 -15.81
CA LYS C 135 -12.60 -14.38 -15.55
C LYS C 135 -13.66 -14.59 -14.46
N LEU C 136 -13.61 -13.76 -13.42
CA LEU C 136 -14.56 -13.84 -12.32
C LEU C 136 -15.99 -14.05 -12.82
N LYS C 137 -16.30 -13.38 -13.92
CA LYS C 137 -17.62 -13.43 -14.56
C LYS C 137 -18.29 -14.80 -14.61
N ASP C 138 -17.50 -15.86 -14.73
CA ASP C 138 -18.06 -17.21 -14.82
C ASP C 138 -17.96 -18.08 -13.57
N ALA C 139 -17.75 -17.47 -12.41
CA ALA C 139 -17.66 -18.24 -11.17
C ALA C 139 -19.07 -18.52 -10.63
N GLU C 140 -19.17 -19.13 -9.45
CA GLU C 140 -20.49 -19.46 -8.88
C GLU C 140 -21.17 -18.37 -8.07
N LYS C 141 -20.55 -17.96 -6.97
CA LYS C 141 -21.08 -16.91 -6.10
C LYS C 141 -20.05 -15.77 -6.06
N PRO C 142 -19.90 -15.06 -7.19
CA PRO C 142 -18.98 -13.94 -7.43
C PRO C 142 -19.35 -12.64 -6.75
N VAL C 143 -18.32 -11.90 -6.37
CA VAL C 143 -18.48 -10.59 -5.73
C VAL C 143 -17.31 -9.73 -6.15
N LEU C 144 -17.62 -8.52 -6.60
CA LEU C 144 -16.62 -7.58 -7.06
C LEU C 144 -16.66 -6.34 -6.20
N PHE C 145 -15.54 -6.03 -5.55
CA PHE C 145 -15.47 -4.86 -4.69
C PHE C 145 -14.81 -3.67 -5.39
N PHE C 146 -15.51 -2.54 -5.36
CA PHE C 146 -15.02 -1.31 -5.97
C PHE C 146 -14.40 -0.40 -4.91
N GLU C 147 -13.26 0.21 -5.23
CA GLU C 147 -12.66 1.16 -4.29
C GLU C 147 -13.33 2.44 -4.79
N ARG C 148 -14.32 2.93 -4.04
CA ARG C 148 -15.08 4.14 -4.40
C ARG C 148 -15.95 3.88 -5.60
N SER C 149 -17.03 4.65 -5.73
CA SER C 149 -17.93 4.52 -6.86
C SER C 149 -17.98 5.86 -7.55
N VAL C 150 -18.49 5.89 -8.77
CA VAL C 150 -18.59 7.16 -9.49
C VAL C 150 -19.48 8.15 -8.74
N TYR C 151 -20.22 7.65 -7.75
CA TYR C 151 -21.11 8.51 -6.99
C TYR C 151 -20.35 9.42 -6.06
N SER C 152 -19.34 8.88 -5.37
CA SER C 152 -18.56 9.71 -4.46
C SER C 152 -17.68 10.65 -5.27
N ASP C 153 -17.35 10.24 -6.49
CA ASP C 153 -16.54 11.05 -7.40
C ASP C 153 -17.21 12.41 -7.57
N ARG C 154 -18.48 12.38 -7.95
CA ARG C 154 -19.26 13.55 -8.21
C ARG C 154 -19.91 14.23 -7.00
N TYR C 155 -20.55 13.44 -6.14
CA TYR C 155 -21.24 14.00 -4.98
C TYR C 155 -20.39 14.28 -3.75
N ILE C 156 -19.21 13.71 -3.68
CA ILE C 156 -18.32 13.97 -2.55
C ILE C 156 -17.14 14.91 -2.93
N PHE C 157 -16.24 14.43 -3.78
CA PHE C 157 -15.05 15.21 -4.16
C PHE C 157 -15.25 16.35 -5.11
N ALA C 158 -15.84 16.05 -6.27
CA ALA C 158 -16.10 17.07 -7.30
C ALA C 158 -16.97 18.16 -6.72
N SER C 159 -18.11 17.73 -6.20
CA SER C 159 -19.06 18.63 -5.58
C SER C 159 -18.30 19.56 -4.63
N ASN C 160 -17.69 18.98 -3.61
CA ASN C 160 -16.95 19.76 -2.63
C ASN C 160 -15.93 20.71 -3.22
N LEU C 161 -15.36 20.34 -4.36
CA LEU C 161 -14.37 21.21 -4.97
C LEU C 161 -15.04 22.42 -5.55
N TYR C 162 -16.26 22.23 -6.05
CA TYR C 162 -17.01 23.32 -6.63
C TYR C 162 -17.46 24.29 -5.54
N GLU C 163 -17.90 23.73 -4.42
CA GLU C 163 -18.34 24.55 -3.31
C GLU C 163 -17.15 25.30 -2.76
N SER C 164 -15.96 24.73 -2.92
CA SER C 164 -14.75 25.35 -2.42
C SER C 164 -14.24 26.36 -3.42
N GLU C 165 -15.08 26.67 -4.39
CA GLU C 165 -14.74 27.62 -5.44
C GLU C 165 -13.48 27.29 -6.24
N CYS C 166 -13.42 26.07 -6.77
CA CYS C 166 -12.30 25.60 -7.57
C CYS C 166 -12.81 25.24 -8.97
N MET C 167 -14.13 25.26 -9.12
CA MET C 167 -14.75 24.98 -10.40
C MET C 167 -15.80 26.08 -10.54
N ASN C 168 -15.77 26.82 -11.65
CA ASN C 168 -16.77 27.86 -11.84
C ASN C 168 -18.06 27.26 -12.40
N GLU C 169 -19.15 28.02 -12.34
CA GLU C 169 -20.46 27.55 -12.83
C GLU C 169 -20.38 26.67 -14.07
N THR C 170 -19.80 27.24 -15.11
CA THR C 170 -19.62 26.58 -16.39
C THR C 170 -18.96 25.20 -16.28
N GLU C 171 -17.86 25.13 -15.54
CA GLU C 171 -17.14 23.86 -15.35
C GLU C 171 -18.02 22.86 -14.62
N TRP C 172 -18.60 23.28 -13.51
CA TRP C 172 -19.47 22.40 -12.72
C TRP C 172 -20.75 21.99 -13.44
N THR C 173 -21.17 22.77 -14.43
CA THR C 173 -22.37 22.42 -15.17
C THR C 173 -22.00 21.32 -16.14
N ILE C 174 -20.91 21.54 -16.86
CA ILE C 174 -20.42 20.57 -17.80
C ILE C 174 -20.14 19.25 -17.11
N TYR C 175 -19.42 19.31 -15.99
CA TYR C 175 -19.10 18.09 -15.26
C TYR C 175 -20.34 17.27 -14.95
N GLN C 176 -21.35 17.88 -14.35
CA GLN C 176 -22.57 17.15 -14.03
C GLN C 176 -23.18 16.58 -15.30
N ASP C 177 -23.33 17.44 -16.32
CA ASP C 177 -23.88 17.06 -17.61
C ASP C 177 -23.14 15.84 -18.16
N TRP C 178 -21.82 15.93 -18.21
CA TRP C 178 -20.97 14.85 -18.71
C TRP C 178 -21.23 13.58 -17.89
N HIS C 179 -21.13 13.72 -16.58
CA HIS C 179 -21.32 12.60 -15.65
C HIS C 179 -22.71 11.97 -15.76
N ASP C 180 -23.73 12.81 -15.88
CA ASP C 180 -25.11 12.34 -16.00
C ASP C 180 -25.23 11.42 -17.20
N TRP C 181 -24.67 11.85 -18.32
CA TRP C 181 -24.72 11.07 -19.54
C TRP C 181 -23.94 9.78 -19.40
N MET C 182 -22.63 9.88 -19.14
CA MET C 182 -21.78 8.71 -18.99
C MET C 182 -22.47 7.58 -18.21
N ASN C 183 -23.04 7.91 -17.05
CA ASN C 183 -23.70 6.86 -16.24
C ASN C 183 -25.07 6.43 -16.72
N ASN C 184 -25.39 6.72 -17.97
CA ASN C 184 -26.68 6.33 -18.52
C ASN C 184 -26.48 5.33 -19.63
N GLN C 185 -25.25 5.24 -20.11
CA GLN C 185 -24.93 4.31 -21.16
C GLN C 185 -24.42 3.04 -20.46
N PHE C 186 -23.13 3.03 -20.15
CA PHE C 186 -22.49 1.91 -19.50
C PHE C 186 -22.95 1.72 -18.07
N GLY C 187 -23.00 2.82 -17.31
CA GLY C 187 -23.42 2.76 -15.92
C GLY C 187 -24.61 1.84 -15.62
N GLN C 188 -25.34 1.45 -16.66
CA GLN C 188 -26.49 0.57 -16.52
C GLN C 188 -26.15 -0.80 -15.91
N SER C 189 -24.87 -1.17 -15.98
CA SER C 189 -24.41 -2.46 -15.46
C SER C 189 -23.47 -2.34 -14.27
N LEU C 190 -23.23 -1.11 -13.83
CA LEU C 190 -22.36 -0.88 -12.69
C LEU C 190 -23.19 -0.52 -11.47
N GLU C 191 -24.50 -0.79 -11.56
CA GLU C 191 -25.40 -0.49 -10.46
C GLU C 191 -24.93 -1.31 -9.27
N LEU C 192 -24.90 -0.68 -8.09
CA LEU C 192 -24.44 -1.36 -6.89
C LEU C 192 -25.49 -2.20 -6.22
N ASP C 193 -25.05 -3.24 -5.53
CA ASP C 193 -25.96 -4.12 -4.81
C ASP C 193 -25.84 -3.83 -3.32
N GLY C 194 -24.76 -3.16 -2.94
CA GLY C 194 -24.52 -2.79 -1.55
C GLY C 194 -23.34 -1.85 -1.42
N ILE C 195 -23.23 -1.18 -0.28
CA ILE C 195 -22.12 -0.25 -0.04
C ILE C 195 -21.56 -0.43 1.35
N ILE C 196 -20.25 -0.34 1.50
CA ILE C 196 -19.63 -0.47 2.81
C ILE C 196 -18.85 0.81 3.11
N TYR C 197 -19.34 1.55 4.10
CA TYR C 197 -18.73 2.82 4.51
C TYR C 197 -17.73 2.65 5.65
N LEU C 198 -16.44 2.85 5.34
CA LEU C 198 -15.41 2.74 6.36
C LEU C 198 -15.31 4.10 7.05
N GLN C 199 -16.03 4.23 8.16
CA GLN C 199 -16.08 5.48 8.91
C GLN C 199 -14.85 5.70 9.75
N ALA C 200 -14.34 6.93 9.75
CA ALA C 200 -13.14 7.25 10.51
C ALA C 200 -12.93 8.75 10.61
N THR C 201 -12.66 9.23 11.81
CA THR C 201 -12.46 10.65 12.01
C THR C 201 -11.43 11.20 11.05
N PRO C 202 -11.64 12.42 10.52
CA PRO C 202 -10.70 13.05 9.58
C PRO C 202 -9.29 13.12 10.16
N GLU C 203 -9.18 13.17 11.48
CA GLU C 203 -7.88 13.22 12.11
C GLU C 203 -7.16 11.89 11.91
N THR C 204 -7.89 10.80 12.10
CA THR C 204 -7.33 9.48 11.89
C THR C 204 -6.87 9.35 10.45
N CYS C 205 -7.65 9.91 9.52
CA CYS C 205 -7.30 9.84 8.12
C CYS C 205 -6.06 10.68 7.84
N LEU C 206 -6.05 11.90 8.37
CA LEU C 206 -4.91 12.76 8.15
C LEU C 206 -3.65 12.04 8.61
N HIS C 207 -3.78 11.21 9.65
CA HIS C 207 -2.65 10.47 10.17
C HIS C 207 -2.24 9.42 9.16
N ARG C 208 -3.20 8.61 8.74
CA ARG C 208 -2.90 7.56 7.77
C ARG C 208 -2.40 8.08 6.44
N ILE C 209 -2.62 9.37 6.17
CA ILE C 209 -2.15 9.96 4.92
C ILE C 209 -0.65 10.12 5.04
N TYR C 210 -0.21 10.40 6.26
CA TYR C 210 1.19 10.58 6.57
C TYR C 210 1.83 9.19 6.60
N LEU C 211 1.25 8.28 7.35
CA LEU C 211 1.79 6.92 7.43
C LEU C 211 1.98 6.31 6.05
N ARG C 212 1.07 6.61 5.13
CA ARG C 212 1.12 6.09 3.77
C ARG C 212 2.30 6.61 2.96
N GLY C 213 2.34 7.90 2.66
CA GLY C 213 3.47 8.41 1.90
C GLY C 213 3.17 9.48 0.86
N ARG C 214 2.69 9.05 -0.30
CA ARG C 214 2.35 9.95 -1.42
C ARG C 214 2.70 11.42 -1.18
N ASN C 215 3.82 11.84 -1.76
CA ASN C 215 4.28 13.21 -1.60
C ASN C 215 3.37 14.26 -2.23
N GLU C 216 2.17 13.87 -2.61
CA GLU C 216 1.25 14.82 -3.22
C GLU C 216 0.25 15.29 -2.17
N GLU C 217 -0.21 14.33 -1.39
CA GLU C 217 -1.20 14.58 -0.36
C GLU C 217 -0.63 15.14 0.93
N GLN C 218 0.67 15.30 0.99
CA GLN C 218 1.30 15.81 2.20
C GLN C 218 0.93 17.25 2.51
N GLY C 219 0.36 17.95 1.54
CA GLY C 219 -0.02 19.33 1.79
C GLY C 219 -1.45 19.48 2.28
N ILE C 220 -2.20 18.39 2.23
CA ILE C 220 -3.57 18.39 2.66
C ILE C 220 -3.74 18.73 4.12
N PRO C 221 -4.61 19.71 4.41
CA PRO C 221 -4.93 20.18 5.77
C PRO C 221 -6.15 19.45 6.33
N LEU C 222 -6.37 19.58 7.63
CA LEU C 222 -7.50 18.92 8.26
C LEU C 222 -8.80 19.42 7.66
N GLU C 223 -8.92 20.74 7.53
CA GLU C 223 -10.11 21.36 6.96
C GLU C 223 -10.63 20.58 5.76
N TYR C 224 -9.76 20.30 4.79
CA TYR C 224 -10.14 19.55 3.58
C TYR C 224 -10.74 18.20 3.94
N LEU C 225 -10.04 17.44 4.77
CA LEU C 225 -10.53 16.12 5.15
C LEU C 225 -11.81 16.23 5.91
N GLU C 226 -11.93 17.27 6.71
CA GLU C 226 -13.12 17.49 7.49
C GLU C 226 -14.31 17.72 6.55
N LYS C 227 -14.15 18.65 5.59
CA LYS C 227 -15.23 18.96 4.66
C LYS C 227 -15.66 17.67 3.95
N LEU C 228 -14.68 16.88 3.51
CA LEU C 228 -14.95 15.60 2.82
C LEU C 228 -15.61 14.58 3.73
N HIS C 229 -15.36 14.69 5.03
CA HIS C 229 -15.94 13.78 6.00
C HIS C 229 -17.43 14.01 6.11
N TYR C 230 -17.82 15.24 6.39
CA TYR C 230 -19.23 15.58 6.51
C TYR C 230 -19.96 15.12 5.26
N LYS C 231 -19.34 15.29 4.11
CA LYS C 231 -19.97 14.87 2.87
C LYS C 231 -20.30 13.38 2.94
N HIS C 232 -19.34 12.58 3.38
CA HIS C 232 -19.59 11.15 3.49
C HIS C 232 -20.73 10.89 4.45
N GLU C 233 -20.61 11.45 5.65
CA GLU C 233 -21.63 11.29 6.69
C GLU C 233 -23.02 11.63 6.17
N SER C 234 -23.15 12.79 5.52
CA SER C 234 -24.44 13.22 5.00
C SER C 234 -25.02 12.25 3.99
N TRP C 235 -24.16 11.63 3.19
CA TRP C 235 -24.62 10.71 2.16
C TRP C 235 -24.89 9.28 2.58
N LEU C 236 -23.96 8.68 3.31
CA LEU C 236 -24.10 7.28 3.69
C LEU C 236 -24.66 7.02 5.07
N LEU C 237 -24.55 7.99 5.96
CA LEU C 237 -25.06 7.78 7.31
C LEU C 237 -26.43 8.43 7.54
N HIS C 238 -26.51 9.73 7.40
CA HIS C 238 -27.78 10.41 7.62
C HIS C 238 -28.68 10.28 6.38
N ARG C 239 -28.09 9.82 5.28
CA ARG C 239 -28.80 9.63 4.02
C ARG C 239 -29.66 10.81 3.58
N THR C 240 -29.24 12.01 3.94
CA THR C 240 -29.96 13.21 3.56
C THR C 240 -29.41 13.77 2.26
N LEU C 241 -28.13 13.53 1.98
CA LEU C 241 -27.53 14.04 0.75
C LEU C 241 -28.20 13.38 -0.43
N LYS C 242 -28.92 14.21 -1.19
CA LYS C 242 -29.68 13.75 -2.35
C LYS C 242 -28.84 13.62 -3.62
N THR C 243 -29.05 12.50 -4.34
CA THR C 243 -28.35 12.20 -5.58
C THR C 243 -29.11 12.63 -6.82
N ASN C 244 -29.05 11.77 -7.82
CA ASN C 244 -29.72 12.00 -9.09
C ASN C 244 -29.92 10.63 -9.70
N PHE C 245 -29.73 9.61 -8.86
CA PHE C 245 -29.89 8.21 -9.25
C PHE C 245 -30.85 7.61 -8.24
N ASP C 246 -32.14 7.72 -8.53
CA ASP C 246 -33.21 7.25 -7.63
C ASP C 246 -33.19 5.81 -7.18
N TYR C 247 -32.14 5.06 -7.52
CA TYR C 247 -32.07 3.67 -7.11
C TYR C 247 -31.22 3.51 -5.85
N LEU C 248 -30.23 4.38 -5.67
CA LEU C 248 -29.38 4.31 -4.50
C LEU C 248 -30.29 4.41 -3.29
N GLN C 249 -31.51 4.85 -3.54
CA GLN C 249 -32.53 5.05 -2.51
C GLN C 249 -32.74 3.78 -1.68
N GLU C 250 -32.83 2.64 -2.37
CA GLU C 250 -33.05 1.34 -1.75
C GLU C 250 -31.83 0.43 -1.80
N VAL C 251 -30.66 0.96 -1.42
CA VAL C 251 -29.42 0.19 -1.40
C VAL C 251 -28.85 0.09 0.01
N PRO C 252 -28.57 -1.15 0.46
CA PRO C 252 -28.02 -1.50 1.77
C PRO C 252 -26.69 -0.82 2.08
N ILE C 253 -26.50 -0.40 3.32
CA ILE C 253 -25.24 0.25 3.70
C ILE C 253 -24.66 -0.17 5.06
N LEU C 254 -23.60 -0.94 5.03
CA LEU C 254 -22.95 -1.37 6.27
C LEU C 254 -21.87 -0.36 6.63
N THR C 255 -21.94 0.19 7.84
CA THR C 255 -20.94 1.16 8.30
C THR C 255 -20.06 0.51 9.35
N LEU C 256 -18.75 0.65 9.23
CA LEU C 256 -17.83 0.06 10.21
C LEU C 256 -16.83 1.09 10.75
N ASP C 257 -16.66 1.11 12.06
CA ASP C 257 -15.72 2.05 12.65
C ASP C 257 -14.31 1.51 12.47
N VAL C 258 -13.52 2.22 11.68
CA VAL C 258 -12.16 1.78 11.42
C VAL C 258 -11.12 2.76 11.95
N ASN C 259 -11.37 3.28 13.15
CA ASN C 259 -10.45 4.22 13.78
C ASN C 259 -9.31 3.48 14.47
N GLU C 260 -9.56 2.25 14.88
CA GLU C 260 -8.55 1.42 15.53
C GLU C 260 -7.90 0.58 14.45
N ASP C 261 -6.67 0.12 14.68
CA ASP C 261 -5.95 -0.70 13.70
C ASP C 261 -6.71 -1.90 13.07
N PHE C 262 -6.19 -2.41 11.97
CA PHE C 262 -6.83 -3.54 11.28
C PHE C 262 -6.09 -4.85 11.39
N LYS C 263 -4.83 -4.85 10.94
CA LYS C 263 -4.02 -6.05 10.97
C LYS C 263 -4.18 -6.87 12.27
N ASP C 264 -4.93 -6.32 13.22
CA ASP C 264 -5.17 -7.00 14.49
C ASP C 264 -6.64 -7.39 14.59
N LYS C 265 -7.46 -6.44 15.03
CA LYS C 265 -8.90 -6.60 15.22
C LYS C 265 -9.70 -6.93 13.95
N TYR C 266 -9.02 -7.00 12.80
CA TYR C 266 -9.72 -7.26 11.56
C TYR C 266 -10.62 -8.49 11.52
N GLU C 267 -10.66 -9.26 12.60
CA GLU C 267 -11.52 -10.44 12.66
C GLU C 267 -12.98 -10.05 12.76
N SER C 268 -13.29 -9.20 13.73
CA SER C 268 -14.63 -8.71 13.97
C SER C 268 -15.29 -8.11 12.74
N LEU C 269 -14.55 -7.21 12.07
CA LEU C 269 -15.04 -6.55 10.88
C LEU C 269 -15.49 -7.53 9.81
N VAL C 270 -14.64 -8.50 9.49
CA VAL C 270 -14.98 -9.49 8.47
C VAL C 270 -16.30 -10.20 8.79
N GLU C 271 -16.47 -10.57 10.05
CA GLU C 271 -17.67 -11.26 10.49
C GLU C 271 -18.89 -10.46 10.03
N LYS C 272 -18.91 -9.18 10.40
CA LYS C 272 -20.00 -8.28 10.04
C LYS C 272 -20.22 -8.16 8.52
N VAL C 273 -19.15 -8.32 7.74
CA VAL C 273 -19.25 -8.23 6.29
C VAL C 273 -19.88 -9.49 5.70
N LYS C 274 -19.41 -10.65 6.15
CA LYS C 274 -19.95 -11.91 5.67
C LYS C 274 -21.45 -11.86 5.92
N GLU C 275 -21.80 -11.39 7.12
CA GLU C 275 -23.17 -11.23 7.59
C GLU C 275 -23.99 -10.41 6.60
N PHE C 276 -23.46 -9.22 6.30
CA PHE C 276 -24.06 -8.25 5.40
C PHE C 276 -24.32 -8.81 4.00
N LEU C 277 -23.33 -9.47 3.42
CA LEU C 277 -23.43 -10.05 2.09
C LEU C 277 -24.45 -11.16 2.02
N SER C 278 -24.56 -11.89 3.12
CA SER C 278 -25.49 -13.01 3.24
C SER C 278 -26.93 -12.56 3.06
N THR C 279 -27.17 -11.26 3.18
CA THR C 279 -28.52 -10.72 3.05
C THR C 279 -28.70 -9.87 1.81
N LEU C 280 -28.27 -10.38 0.65
CA LEU C 280 -28.39 -9.63 -0.61
C LEU C 280 -28.90 -10.49 -1.76
N ARG D 40 -28.88 1.95 -40.08
CA ARG D 40 -29.79 1.77 -41.27
C ARG D 40 -29.73 2.95 -42.25
N ILE D 41 -29.39 4.11 -41.71
CA ILE D 41 -29.32 5.34 -42.47
C ILE D 41 -27.93 5.62 -43.02
N LYS D 42 -27.87 6.21 -44.20
CA LYS D 42 -26.56 6.57 -44.76
C LYS D 42 -26.14 7.88 -44.08
N LYS D 43 -24.94 7.89 -43.51
CA LYS D 43 -24.41 9.05 -42.79
C LYS D 43 -23.30 9.76 -43.58
N ILE D 44 -23.56 11.01 -43.95
CA ILE D 44 -22.61 11.80 -44.70
C ILE D 44 -22.13 12.98 -43.85
N SER D 45 -20.82 13.21 -43.81
CA SER D 45 -20.26 14.31 -43.04
C SER D 45 -19.87 15.47 -43.92
N ILE D 46 -20.17 16.68 -43.47
CA ILE D 46 -19.83 17.87 -44.23
C ILE D 46 -18.70 18.67 -43.57
N GLU D 47 -17.48 18.41 -44.04
CA GLU D 47 -16.29 19.07 -43.51
C GLU D 47 -16.00 20.37 -44.22
N GLY D 48 -15.46 21.31 -43.47
CA GLY D 48 -15.11 22.61 -44.02
C GLY D 48 -14.39 23.44 -42.99
N ASN D 49 -13.87 24.58 -43.38
CA ASN D 49 -13.18 25.44 -42.42
C ASN D 49 -14.26 26.23 -41.69
N ILE D 50 -13.85 27.22 -40.90
CA ILE D 50 -14.80 28.03 -40.16
C ILE D 50 -15.45 29.00 -41.13
N ALA D 51 -16.77 28.98 -41.16
CA ALA D 51 -17.50 29.88 -42.04
C ALA D 51 -17.33 29.57 -43.52
N ALA D 52 -16.96 28.34 -43.83
CA ALA D 52 -16.80 27.94 -45.22
C ALA D 52 -18.20 27.93 -45.83
N GLY D 53 -19.17 27.43 -45.06
CA GLY D 53 -20.54 27.39 -45.52
C GLY D 53 -21.25 26.05 -45.53
N LYS D 54 -21.04 25.22 -44.51
CA LYS D 54 -21.72 23.93 -44.45
C LYS D 54 -23.20 24.20 -44.23
N SER D 55 -23.51 24.85 -43.12
CA SER D 55 -24.89 25.18 -42.78
C SER D 55 -25.60 25.68 -44.03
N THR D 56 -25.06 26.74 -44.61
CA THR D 56 -25.64 27.31 -45.82
C THR D 56 -25.86 26.27 -46.91
N PHE D 57 -24.82 25.51 -47.20
CA PHE D 57 -24.87 24.48 -48.24
C PHE D 57 -25.80 23.33 -47.92
N VAL D 58 -25.86 22.92 -46.67
CA VAL D 58 -26.72 21.80 -46.33
C VAL D 58 -28.20 22.18 -46.40
N ASN D 59 -28.54 23.38 -45.95
CA ASN D 59 -29.94 23.82 -45.99
C ASN D 59 -30.52 23.75 -47.38
N ILE D 60 -29.66 23.90 -48.37
CA ILE D 60 -30.08 23.83 -49.75
C ILE D 60 -30.42 22.40 -50.07
N LEU D 61 -29.67 21.45 -49.50
CA LEU D 61 -29.94 20.04 -49.75
C LEU D 61 -31.11 19.59 -48.89
N LYS D 62 -31.15 20.07 -47.65
CA LYS D 62 -32.20 19.70 -46.71
C LYS D 62 -33.57 19.78 -47.37
N GLN D 63 -33.80 20.87 -48.08
CA GLN D 63 -35.06 21.07 -48.79
C GLN D 63 -34.96 20.55 -50.21
N LEU D 64 -34.89 19.23 -50.35
CA LEU D 64 -34.80 18.57 -51.65
C LEU D 64 -35.14 17.11 -51.42
N CYS D 65 -35.75 16.84 -50.27
CA CYS D 65 -36.17 15.49 -49.88
C CYS D 65 -36.59 15.44 -48.43
N GLU D 66 -37.60 14.63 -48.15
CA GLU D 66 -38.11 14.48 -46.78
C GLU D 66 -37.34 13.36 -46.09
N ASP D 67 -36.46 12.71 -46.85
CA ASP D 67 -35.64 11.63 -46.33
C ASP D 67 -34.20 12.11 -46.16
N TRP D 68 -34.06 13.43 -46.06
CA TRP D 68 -32.76 14.09 -45.88
C TRP D 68 -32.84 15.06 -44.70
N GLU D 69 -32.25 14.67 -43.57
CA GLU D 69 -32.25 15.47 -42.33
C GLU D 69 -30.85 16.03 -42.06
N VAL D 70 -30.74 16.94 -41.10
CA VAL D 70 -29.45 17.53 -40.76
C VAL D 70 -29.17 17.56 -39.26
N VAL D 71 -27.90 17.50 -38.89
CA VAL D 71 -27.48 17.52 -37.50
C VAL D 71 -26.39 18.57 -37.32
N PRO D 72 -26.78 19.80 -37.04
CA PRO D 72 -25.91 20.96 -36.85
C PRO D 72 -25.02 20.89 -35.63
N GLU D 73 -23.88 21.56 -35.69
CA GLU D 73 -22.98 21.60 -34.55
C GLU D 73 -23.80 22.33 -33.51
N PRO D 74 -23.82 21.81 -32.28
CA PRO D 74 -24.60 22.52 -31.26
C PRO D 74 -23.90 23.79 -30.80
N VAL D 75 -23.47 24.61 -31.76
CA VAL D 75 -22.77 25.86 -31.43
C VAL D 75 -23.66 26.75 -30.53
N ALA D 76 -24.95 26.44 -30.50
CA ALA D 76 -25.89 27.18 -29.69
C ALA D 76 -25.50 27.01 -28.22
N ARG D 77 -25.51 25.75 -27.75
CA ARG D 77 -25.17 25.44 -26.37
C ARG D 77 -23.75 25.76 -25.99
N TRP D 78 -22.88 26.01 -26.96
CA TRP D 78 -21.50 26.33 -26.65
C TRP D 78 -21.39 27.79 -26.22
N CYS D 79 -22.33 28.61 -26.68
CA CYS D 79 -22.34 30.03 -26.34
C CYS D 79 -23.17 30.29 -25.09
N ASN D 80 -23.87 29.26 -24.65
CA ASN D 80 -24.68 29.37 -23.46
C ASN D 80 -24.80 27.98 -22.86
N VAL D 81 -24.00 27.73 -21.84
CA VAL D 81 -23.97 26.43 -21.19
C VAL D 81 -25.12 26.23 -20.23
N GLN D 82 -25.89 25.18 -20.49
CA GLN D 82 -27.09 24.81 -19.72
C GLN D 82 -27.11 23.32 -19.35
N SER D 83 -28.31 22.75 -19.31
CA SER D 83 -28.52 21.34 -18.97
C SER D 83 -29.45 20.60 -19.95
N ASN D 97 -28.95 32.47 -20.21
CA ASN D 97 -28.55 32.68 -18.83
C ASN D 97 -27.42 31.74 -18.37
N GLY D 98 -26.49 31.43 -19.28
CA GLY D 98 -25.36 30.55 -18.95
C GLY D 98 -24.04 31.06 -19.49
N GLY D 99 -22.92 30.53 -19.00
CA GLY D 99 -21.61 30.98 -19.46
C GLY D 99 -21.24 30.67 -20.91
N ASN D 100 -20.45 31.53 -21.54
CA ASN D 100 -20.06 31.32 -22.94
C ASN D 100 -18.68 30.65 -23.07
N VAL D 101 -18.67 29.32 -23.04
CA VAL D 101 -17.42 28.57 -23.12
C VAL D 101 -16.70 28.79 -24.44
N LEU D 102 -17.43 29.09 -25.52
CA LEU D 102 -16.76 29.33 -26.79
C LEU D 102 -15.88 30.56 -26.65
N GLN D 103 -16.47 31.65 -26.14
CA GLN D 103 -15.75 32.88 -25.95
C GLN D 103 -14.57 32.72 -24.99
N MET D 104 -14.77 31.95 -23.94
CA MET D 104 -13.70 31.71 -22.97
C MET D 104 -12.47 31.12 -23.66
N MET D 105 -12.69 30.17 -24.56
CA MET D 105 -11.59 29.56 -25.27
C MET D 105 -10.83 30.57 -26.11
N TYR D 106 -11.57 31.48 -26.70
CA TYR D 106 -10.97 32.49 -27.54
C TYR D 106 -10.21 33.53 -26.72
N GLU D 107 -10.82 33.99 -25.63
CA GLU D 107 -10.17 34.97 -24.81
C GLU D 107 -8.92 34.44 -24.15
N LYS D 108 -8.96 33.22 -23.63
CA LYS D 108 -7.80 32.64 -22.98
C LYS D 108 -7.65 31.14 -23.29
N PRO D 109 -7.25 30.80 -24.52
CA PRO D 109 -7.07 29.42 -24.96
C PRO D 109 -6.16 28.54 -24.12
N GLU D 110 -4.99 29.04 -23.73
CA GLU D 110 -4.08 28.26 -22.93
C GLU D 110 -4.74 27.76 -21.64
N ARG D 111 -5.97 28.22 -21.39
CA ARG D 111 -6.72 27.82 -20.19
C ARG D 111 -7.99 27.02 -20.46
N TRP D 112 -8.73 27.41 -21.48
CA TRP D 112 -9.99 26.74 -21.80
C TRP D 112 -10.02 25.90 -23.06
N SER D 113 -8.89 25.79 -23.76
CA SER D 113 -8.86 24.98 -24.97
C SER D 113 -9.24 23.56 -24.66
N PHE D 114 -8.80 23.05 -23.52
CA PHE D 114 -9.13 21.68 -23.13
C PHE D 114 -10.61 21.58 -22.77
N THR D 115 -11.02 22.34 -21.75
CA THR D 115 -12.40 22.30 -21.30
C THR D 115 -13.36 22.37 -22.45
N PHE D 116 -13.16 23.35 -23.32
CA PHE D 116 -14.01 23.53 -24.50
C PHE D 116 -13.97 22.32 -25.41
N GLN D 117 -12.82 22.06 -26.01
CA GLN D 117 -12.67 20.94 -26.94
C GLN D 117 -13.33 19.64 -26.50
N THR D 118 -13.41 19.44 -25.18
CA THR D 118 -14.00 18.25 -24.60
C THR D 118 -15.50 18.38 -24.70
N TYR D 119 -16.04 19.44 -24.09
CA TYR D 119 -17.48 19.68 -24.10
C TYR D 119 -17.98 19.66 -25.54
N ALA D 120 -17.23 20.29 -26.42
CA ALA D 120 -17.61 20.35 -27.82
C ALA D 120 -17.80 18.97 -28.45
N CYS D 121 -16.85 18.08 -28.26
CA CYS D 121 -16.99 16.77 -28.86
C CYS D 121 -18.10 15.98 -28.18
N LEU D 122 -18.25 16.15 -26.87
CA LEU D 122 -19.29 15.43 -26.15
C LEU D 122 -20.63 15.85 -26.73
N SER D 123 -20.86 17.15 -26.74
CA SER D 123 -22.10 17.72 -27.24
C SER D 123 -22.45 17.25 -28.62
N ARG D 124 -21.43 17.06 -29.45
CA ARG D 124 -21.68 16.61 -30.82
C ARG D 124 -22.19 15.17 -30.82
N ILE D 125 -21.49 14.27 -30.13
CA ILE D 125 -21.93 12.89 -30.08
C ILE D 125 -23.38 12.79 -29.59
N ARG D 126 -23.67 13.47 -28.48
CA ARG D 126 -25.01 13.46 -27.93
C ARG D 126 -26.02 13.83 -29.01
N ALA D 127 -25.68 14.82 -29.82
CA ALA D 127 -26.57 15.29 -30.87
C ALA D 127 -26.69 14.36 -32.08
N GLN D 128 -25.57 13.84 -32.57
CA GLN D 128 -25.60 12.96 -33.73
C GLN D 128 -26.33 11.69 -33.36
N LEU D 129 -26.03 11.15 -32.18
CA LEU D 129 -26.67 9.93 -31.72
C LEU D 129 -28.18 10.06 -31.63
N ALA D 130 -28.64 11.25 -31.25
CA ALA D 130 -30.06 11.51 -31.12
C ALA D 130 -30.74 11.46 -32.48
N SER D 131 -30.40 12.40 -33.37
CA SER D 131 -31.00 12.43 -34.69
C SER D 131 -30.93 11.07 -35.37
N LEU D 132 -30.11 10.19 -34.84
CA LEU D 132 -29.97 8.85 -35.37
C LEU D 132 -31.18 7.97 -35.04
N ASN D 133 -31.89 8.33 -33.97
CA ASN D 133 -33.06 7.54 -33.56
C ASN D 133 -34.34 8.29 -33.85
N GLY D 134 -34.23 9.37 -34.61
CA GLY D 134 -35.38 10.18 -34.96
C GLY D 134 -36.31 9.53 -35.95
N LYS D 135 -37.38 10.23 -36.29
CA LYS D 135 -38.38 9.72 -37.23
C LYS D 135 -37.74 9.25 -38.55
N LEU D 136 -36.77 10.02 -39.03
CA LEU D 136 -36.08 9.67 -40.27
C LEU D 136 -35.73 8.19 -40.34
N LYS D 137 -35.36 7.63 -39.19
CA LYS D 137 -34.98 6.24 -39.04
C LYS D 137 -35.83 5.20 -39.81
N ASP D 138 -37.11 5.49 -39.98
CA ASP D 138 -38.01 4.57 -40.66
C ASP D 138 -38.43 4.94 -42.09
N ALA D 139 -37.68 5.83 -42.73
CA ALA D 139 -38.00 6.21 -44.10
C ALA D 139 -37.42 5.18 -45.06
N GLU D 140 -37.53 5.42 -46.37
CA GLU D 140 -37.03 4.47 -47.38
C GLU D 140 -35.57 4.60 -47.78
N LYS D 141 -35.20 5.74 -48.34
CA LYS D 141 -33.81 5.99 -48.75
C LYS D 141 -33.33 7.22 -47.97
N PRO D 142 -33.09 7.04 -46.66
CA PRO D 142 -32.65 8.06 -45.71
C PRO D 142 -31.19 8.45 -45.79
N VAL D 143 -30.94 9.73 -45.49
CA VAL D 143 -29.61 10.29 -45.48
C VAL D 143 -29.54 11.36 -44.39
N LEU D 144 -28.51 11.24 -43.56
CA LEU D 144 -28.32 12.17 -42.47
C LEU D 144 -27.01 12.91 -42.66
N PHE D 145 -27.07 14.23 -42.73
CA PHE D 145 -25.88 15.06 -42.92
C PHE D 145 -25.38 15.66 -41.60
N PHE D 146 -24.11 15.43 -41.31
CA PHE D 146 -23.49 15.95 -40.10
C PHE D 146 -22.69 17.21 -40.39
N GLU D 147 -22.80 18.22 -39.55
CA GLU D 147 -22.00 19.43 -39.74
C GLU D 147 -20.76 19.04 -38.92
N ARG D 148 -19.68 18.67 -39.60
CA ARG D 148 -18.42 18.25 -38.95
C ARG D 148 -18.58 16.89 -38.32
N SER D 149 -17.48 16.18 -38.15
CA SER D 149 -17.51 14.87 -37.51
C SER D 149 -16.57 14.94 -36.33
N VAL D 150 -16.68 14.00 -35.41
CA VAL D 150 -15.79 13.98 -34.27
C VAL D 150 -14.34 13.85 -34.70
N TYR D 151 -14.13 13.51 -35.97
CA TYR D 151 -12.78 13.35 -36.49
C TYR D 151 -12.09 14.70 -36.66
N SER D 152 -12.80 15.68 -37.19
CA SER D 152 -12.18 17.00 -37.37
C SER D 152 -12.04 17.66 -36.01
N ASP D 153 -12.89 17.27 -35.07
CA ASP D 153 -12.85 17.80 -33.71
C ASP D 153 -11.46 17.59 -33.13
N ARG D 154 -11.02 16.34 -33.18
CA ARG D 154 -9.74 15.92 -32.65
C ARG D 154 -8.53 16.11 -33.56
N TYR D 155 -8.64 15.71 -34.82
CA TYR D 155 -7.52 15.81 -35.75
C TYR D 155 -7.30 17.15 -36.43
N ILE D 156 -8.30 18.03 -36.38
CA ILE D 156 -8.16 19.36 -36.96
C ILE D 156 -8.03 20.44 -35.91
N PHE D 157 -9.09 20.67 -35.16
CA PHE D 157 -9.10 21.73 -34.16
C PHE D 157 -8.32 21.48 -32.88
N ALA D 158 -8.64 20.38 -32.21
CA ALA D 158 -7.99 20.05 -30.97
C ALA D 158 -6.51 19.92 -31.21
N SER D 159 -6.18 19.05 -32.16
CA SER D 159 -4.80 18.80 -32.53
C SER D 159 -4.08 20.13 -32.70
N ASN D 160 -4.54 20.92 -33.66
CA ASN D 160 -3.94 22.23 -33.93
C ASN D 160 -3.81 23.12 -32.71
N LEU D 161 -4.71 22.98 -31.75
CA LEU D 161 -4.64 23.81 -30.55
C LEU D 161 -3.47 23.35 -29.69
N TYR D 162 -3.21 22.05 -29.70
CA TYR D 162 -2.12 21.47 -28.94
C TYR D 162 -0.78 21.89 -29.55
N GLU D 163 -0.72 21.84 -30.88
CA GLU D 163 0.50 22.22 -31.57
C GLU D 163 0.74 23.72 -31.37
N SER D 164 -0.34 24.47 -31.17
CA SER D 164 -0.23 25.92 -30.96
C SER D 164 0.07 26.19 -29.50
N GLU D 165 0.43 25.13 -28.77
CA GLU D 165 0.77 25.22 -27.35
C GLU D 165 -0.33 25.82 -26.49
N CYS D 166 -1.54 25.29 -26.59
CA CYS D 166 -2.68 25.74 -25.80
C CYS D 166 -3.17 24.58 -24.93
N MET D 167 -2.59 23.41 -25.15
CA MET D 167 -2.91 22.23 -24.38
C MET D 167 -1.56 21.60 -24.04
N ASN D 168 -1.26 21.37 -22.76
CA ASN D 168 0.02 20.76 -22.42
C ASN D 168 -0.05 19.24 -22.57
N GLU D 169 1.11 18.60 -22.58
CA GLU D 169 1.17 17.15 -22.76
C GLU D 169 0.01 16.40 -22.10
N THR D 170 -0.10 16.60 -20.78
CA THR D 170 -1.11 15.97 -19.94
C THR D 170 -2.52 16.18 -20.46
N GLU D 171 -2.85 17.41 -20.84
CA GLU D 171 -4.18 17.70 -21.36
C GLU D 171 -4.39 16.97 -22.66
N TRP D 172 -3.46 17.11 -23.58
CA TRP D 172 -3.57 16.45 -24.89
C TRP D 172 -3.55 14.92 -24.81
N THR D 173 -3.00 14.37 -23.75
CA THR D 173 -2.95 12.92 -23.64
C THR D 173 -4.33 12.46 -23.23
N ILE D 174 -4.85 13.13 -22.21
CA ILE D 174 -6.17 12.84 -21.70
C ILE D 174 -7.19 12.96 -22.80
N TYR D 175 -7.16 14.07 -23.53
CA TYR D 175 -8.11 14.29 -24.61
C TYR D 175 -8.14 13.15 -25.59
N GLN D 176 -6.98 12.73 -26.07
CA GLN D 176 -6.94 11.64 -27.02
C GLN D 176 -7.50 10.38 -26.37
N ASP D 177 -7.03 10.09 -25.17
CA ASP D 177 -7.46 8.92 -24.41
C ASP D 177 -8.99 8.93 -24.28
N TRP D 178 -9.54 10.04 -23.82
CA TRP D 178 -10.98 10.21 -23.66
C TRP D 178 -11.69 9.95 -24.99
N HIS D 179 -11.25 10.67 -26.02
CA HIS D 179 -11.81 10.58 -27.37
C HIS D 179 -11.73 9.17 -27.97
N ASP D 180 -10.60 8.50 -27.74
CA ASP D 180 -10.38 7.16 -28.25
C ASP D 180 -11.43 6.24 -27.69
N TRP D 181 -11.68 6.37 -26.39
CA TRP D 181 -12.66 5.53 -25.73
C TRP D 181 -14.08 5.84 -26.22
N MET D 182 -14.52 7.09 -26.02
CA MET D 182 -15.84 7.52 -26.45
C MET D 182 -16.22 6.95 -27.81
N ASN D 183 -15.36 7.08 -28.81
CA ASN D 183 -15.68 6.56 -30.14
C ASN D 183 -15.53 5.07 -30.32
N ASN D 184 -15.54 4.32 -29.23
CA ASN D 184 -15.43 2.88 -29.31
C ASN D 184 -16.68 2.24 -28.75
N GLN D 185 -17.46 3.04 -28.04
CA GLN D 185 -18.72 2.57 -27.48
C GLN D 185 -19.79 2.92 -28.50
N PHE D 186 -20.31 4.14 -28.41
CA PHE D 186 -21.36 4.63 -29.29
C PHE D 186 -20.88 4.81 -30.72
N GLY D 187 -19.71 5.43 -30.87
CA GLY D 187 -19.15 5.67 -32.19
C GLY D 187 -19.30 4.54 -33.18
N GLN D 188 -19.59 3.34 -32.69
CA GLN D 188 -19.76 2.16 -33.53
C GLN D 188 -20.87 2.29 -34.59
N SER D 189 -21.80 3.21 -34.34
CA SER D 189 -22.93 3.45 -35.25
C SER D 189 -22.89 4.81 -35.93
N LEU D 190 -21.85 5.59 -35.66
CA LEU D 190 -21.73 6.91 -36.27
C LEU D 190 -20.70 6.84 -37.37
N GLU D 191 -20.33 5.63 -37.77
CA GLU D 191 -19.35 5.44 -38.82
C GLU D 191 -19.90 6.11 -40.07
N LEU D 192 -19.04 6.85 -40.78
CA LEU D 192 -19.46 7.57 -41.98
C LEU D 192 -19.47 6.72 -43.23
N ASP D 193 -20.34 7.06 -44.17
CA ASP D 193 -20.47 6.35 -45.44
C ASP D 193 -19.82 7.19 -46.52
N GLY D 194 -19.66 8.48 -46.22
CA GLY D 194 -19.04 9.41 -47.16
C GLY D 194 -18.76 10.76 -46.51
N ILE D 195 -17.91 11.57 -47.13
CA ILE D 195 -17.57 12.90 -46.61
C ILE D 195 -17.55 13.94 -47.71
N ILE D 196 -18.05 15.14 -47.42
CA ILE D 196 -18.06 16.21 -48.42
C ILE D 196 -17.26 17.38 -47.88
N TYR D 197 -16.12 17.65 -48.51
CA TYR D 197 -15.23 18.72 -48.10
C TYR D 197 -15.48 20.01 -48.86
N LEU D 198 -16.01 21.01 -48.18
CA LEU D 198 -16.27 22.31 -48.79
C LEU D 198 -14.98 23.10 -48.75
N GLN D 199 -14.20 23.03 -49.83
CA GLN D 199 -12.92 23.70 -49.91
C GLN D 199 -13.06 25.20 -50.16
N ALA D 200 -12.24 25.99 -49.48
CA ALA D 200 -12.31 27.42 -49.64
C ALA D 200 -11.13 28.10 -48.97
N THR D 201 -10.49 29.00 -49.69
CA THR D 201 -9.33 29.72 -49.17
C THR D 201 -9.62 30.34 -47.81
N PRO D 202 -8.65 30.27 -46.88
CA PRO D 202 -8.85 30.84 -45.55
C PRO D 202 -9.26 32.31 -45.61
N GLU D 203 -8.86 33.00 -46.67
CA GLU D 203 -9.23 34.40 -46.80
C GLU D 203 -10.74 34.51 -47.02
N THR D 204 -11.26 33.64 -47.88
CA THR D 204 -12.69 33.61 -48.16
C THR D 204 -13.43 33.33 -46.87
N CYS D 205 -12.88 32.42 -46.06
CA CYS D 205 -13.50 32.06 -44.79
C CYS D 205 -13.47 33.23 -43.81
N LEU D 206 -12.31 33.89 -43.72
CA LEU D 206 -12.18 35.03 -42.83
C LEU D 206 -13.21 36.10 -43.18
N HIS D 207 -13.56 36.17 -44.47
CA HIS D 207 -14.53 37.12 -44.93
C HIS D 207 -15.92 36.70 -44.46
N ARG D 208 -16.28 35.45 -44.72
CA ARG D 208 -17.57 34.97 -44.30
C ARG D 208 -17.75 34.95 -42.79
N ILE D 209 -16.65 35.03 -42.04
CA ILE D 209 -16.73 35.06 -40.58
C ILE D 209 -17.26 36.42 -40.19
N TYR D 210 -16.83 37.41 -40.95
CA TYR D 210 -17.26 38.79 -40.76
C TYR D 210 -18.71 38.91 -41.21
N LEU D 211 -18.99 38.49 -42.43
CA LEU D 211 -20.34 38.56 -42.96
C LEU D 211 -21.33 37.91 -42.02
N ARG D 212 -20.93 36.84 -41.37
CA ARG D 212 -21.80 36.12 -40.43
C ARG D 212 -22.15 36.93 -39.20
N GLY D 213 -21.18 37.20 -38.34
CA GLY D 213 -21.50 37.97 -37.15
C GLY D 213 -20.78 37.55 -35.88
N ARG D 214 -21.27 36.51 -35.22
CA ARG D 214 -20.69 36.01 -33.97
C ARG D 214 -19.57 36.87 -33.39
N ASN D 215 -19.89 37.69 -32.39
CA ASN D 215 -18.91 38.57 -31.78
C ASN D 215 -17.80 37.85 -31.02
N GLU D 216 -17.67 36.55 -31.23
CA GLU D 216 -16.64 35.79 -30.55
C GLU D 216 -15.48 35.56 -31.50
N GLU D 217 -15.84 35.22 -32.74
CA GLU D 217 -14.88 34.91 -33.77
C GLU D 217 -14.30 36.14 -34.44
N GLN D 218 -14.73 37.33 -34.02
CA GLN D 218 -14.23 38.54 -34.64
C GLN D 218 -12.76 38.81 -34.38
N GLY D 219 -12.21 38.12 -33.40
CA GLY D 219 -10.80 38.32 -33.09
C GLY D 219 -9.88 37.38 -33.84
N ILE D 220 -10.47 36.40 -34.51
CA ILE D 220 -9.70 35.42 -35.26
C ILE D 220 -8.91 36.04 -36.40
N PRO D 221 -7.60 35.74 -36.45
CA PRO D 221 -6.65 36.22 -37.46
C PRO D 221 -6.53 35.23 -38.59
N LEU D 222 -5.95 35.66 -39.69
CA LEU D 222 -5.80 34.77 -40.84
C LEU D 222 -4.96 33.55 -40.48
N GLU D 223 -3.83 33.78 -39.80
CA GLU D 223 -2.92 32.72 -39.38
C GLU D 223 -3.69 31.51 -38.89
N TYR D 224 -4.60 31.72 -37.92
CA TYR D 224 -5.41 30.64 -37.35
C TYR D 224 -6.18 29.87 -38.44
N LEU D 225 -6.88 30.62 -39.29
CA LEU D 225 -7.65 30.02 -40.35
C LEU D 225 -6.73 29.29 -41.29
N GLU D 226 -5.56 29.86 -41.52
CA GLU D 226 -4.60 29.25 -42.42
C GLU D 226 -4.13 27.92 -41.89
N LYS D 227 -3.73 27.90 -40.61
CA LYS D 227 -3.26 26.67 -39.97
C LYS D 227 -4.36 25.62 -40.07
N LEU D 228 -5.60 26.01 -39.78
CA LEU D 228 -6.73 25.10 -39.86
C LEU D 228 -7.01 24.63 -41.29
N HIS D 229 -6.62 25.44 -42.26
CA HIS D 229 -6.84 25.10 -43.65
C HIS D 229 -5.96 23.96 -44.08
N TYR D 230 -4.66 24.12 -43.87
CA TYR D 230 -3.70 23.07 -44.22
C TYR D 230 -4.11 21.75 -43.57
N LYS D 231 -4.60 21.81 -42.33
CA LYS D 231 -5.05 20.62 -41.63
C LYS D 231 -6.11 19.93 -42.47
N HIS D 232 -7.09 20.69 -42.93
CA HIS D 232 -8.14 20.14 -43.76
C HIS D 232 -7.57 19.53 -45.01
N GLU D 233 -6.76 20.30 -45.71
CA GLU D 233 -6.13 19.85 -46.95
C GLU D 233 -5.35 18.54 -46.75
N SER D 234 -4.54 18.49 -45.71
CA SER D 234 -3.75 17.31 -45.43
C SER D 234 -4.59 16.05 -45.20
N TRP D 235 -5.72 16.22 -44.52
CA TRP D 235 -6.59 15.10 -44.20
C TRP D 235 -7.54 14.60 -45.28
N LEU D 236 -8.26 15.52 -45.93
CA LEU D 236 -9.25 15.17 -46.94
C LEU D 236 -8.81 15.23 -48.39
N LEU D 237 -7.78 16.02 -48.67
CA LEU D 237 -7.33 16.14 -50.05
C LEU D 237 -6.12 15.27 -50.34
N HIS D 238 -5.01 15.55 -49.66
CA HIS D 238 -3.79 14.78 -49.87
C HIS D 238 -3.85 13.45 -49.12
N ARG D 239 -4.83 13.31 -48.24
CA ARG D 239 -5.04 12.10 -47.45
C ARG D 239 -3.80 11.53 -46.78
N THR D 240 -2.86 12.41 -46.44
CA THR D 240 -1.63 12.00 -45.78
C THR D 240 -1.79 12.07 -44.26
N LEU D 241 -2.68 12.94 -43.78
CA LEU D 241 -2.90 13.06 -42.34
C LEU D 241 -3.47 11.77 -41.81
N LYS D 242 -2.68 11.07 -41.01
CA LYS D 242 -3.08 9.79 -40.46
C LYS D 242 -3.94 9.89 -39.21
N THR D 243 -4.98 9.06 -39.16
CA THR D 243 -5.92 9.02 -38.03
C THR D 243 -5.59 7.94 -37.03
N ASN D 244 -6.63 7.29 -36.54
CA ASN D 244 -6.50 6.23 -35.55
C ASN D 244 -7.74 5.35 -35.71
N PHE D 245 -8.43 5.57 -36.83
CA PHE D 245 -9.64 4.84 -37.18
C PHE D 245 -9.41 4.31 -38.59
N ASP D 246 -8.80 3.13 -38.67
CA ASP D 246 -8.44 2.49 -39.93
C ASP D 246 -9.53 2.27 -40.96
N TYR D 247 -10.73 2.77 -40.71
CA TYR D 247 -11.82 2.59 -41.67
C TYR D 247 -11.99 3.81 -42.57
N LEU D 248 -11.65 4.99 -42.05
CA LEU D 248 -11.74 6.21 -42.84
C LEU D 248 -10.88 6.02 -44.07
N GLN D 249 -10.02 5.00 -44.00
CA GLN D 249 -9.09 4.67 -45.07
C GLN D 249 -9.82 4.47 -46.40
N GLU D 250 -10.93 3.72 -46.35
CA GLU D 250 -11.71 3.42 -47.53
C GLU D 250 -13.05 4.17 -47.56
N VAL D 251 -13.03 5.47 -47.32
CA VAL D 251 -14.24 6.28 -47.33
C VAL D 251 -14.17 7.35 -48.42
N PRO D 252 -15.21 7.42 -49.27
CA PRO D 252 -15.37 8.36 -50.39
C PRO D 252 -15.34 9.81 -49.97
N ILE D 253 -14.69 10.66 -50.76
CA ILE D 253 -14.63 12.08 -50.44
C ILE D 253 -14.84 13.05 -51.61
N LEU D 254 -15.99 13.69 -51.64
CA LEU D 254 -16.29 14.65 -52.69
C LEU D 254 -15.82 16.03 -52.24
N THR D 255 -14.97 16.68 -53.03
CA THR D 255 -14.48 18.01 -52.69
C THR D 255 -15.11 19.04 -53.65
N LEU D 256 -15.62 20.13 -53.10
CA LEU D 256 -16.27 21.16 -53.90
C LEU D 256 -15.70 22.56 -53.64
N ASP D 257 -15.35 23.28 -54.70
CA ASP D 257 -14.83 24.63 -54.52
C ASP D 257 -15.99 25.56 -54.21
N VAL D 258 -16.00 26.10 -53.00
CA VAL D 258 -17.06 26.99 -52.58
C VAL D 258 -16.56 28.42 -52.31
N ASN D 259 -15.64 28.88 -53.14
CA ASN D 259 -15.11 30.22 -52.99
C ASN D 259 -16.04 31.27 -53.59
N GLU D 260 -16.86 30.86 -54.56
CA GLU D 260 -17.82 31.75 -55.22
C GLU D 260 -19.15 31.56 -54.52
N ASP D 261 -20.02 32.56 -54.55
CA ASP D 261 -21.33 32.49 -53.89
C ASP D 261 -22.16 31.19 -54.09
N PHE D 262 -23.18 31.00 -53.27
CA PHE D 262 -24.02 29.80 -53.36
C PHE D 262 -25.41 30.08 -53.85
N LYS D 263 -26.14 30.92 -53.12
CA LYS D 263 -27.51 31.27 -53.46
C LYS D 263 -27.75 31.45 -54.98
N ASP D 264 -26.67 31.43 -55.75
CA ASP D 264 -26.73 31.58 -57.20
C ASP D 264 -26.36 30.25 -57.88
N LYS D 265 -25.05 30.06 -58.05
CA LYS D 265 -24.47 28.88 -58.68
C LYS D 265 -24.77 27.54 -57.98
N TYR D 266 -25.48 27.58 -56.85
CA TYR D 266 -25.74 26.35 -56.11
C TYR D 266 -26.36 25.18 -56.87
N GLU D 267 -26.67 25.38 -58.15
CA GLU D 267 -27.27 24.34 -58.97
C GLU D 267 -26.22 23.27 -59.28
N SER D 268 -25.08 23.71 -59.82
CA SER D 268 -23.98 22.82 -60.19
C SER D 268 -23.54 21.92 -59.04
N LEU D 269 -23.36 22.52 -57.88
CA LEU D 269 -22.91 21.80 -56.69
C LEU D 269 -23.81 20.66 -56.36
N VAL D 270 -25.11 20.92 -56.28
CA VAL D 270 -26.09 19.87 -55.98
C VAL D 270 -26.01 18.67 -56.94
N GLU D 271 -25.86 18.97 -58.24
CA GLU D 271 -25.76 17.94 -59.25
C GLU D 271 -24.66 16.97 -58.83
N LYS D 272 -23.47 17.50 -58.56
CA LYS D 272 -22.31 16.71 -58.17
C LYS D 272 -22.55 15.89 -56.90
N VAL D 273 -23.40 16.39 -56.01
CA VAL D 273 -23.69 15.69 -54.77
C VAL D 273 -24.64 14.52 -55.02
N LYS D 274 -25.70 14.76 -55.79
CA LYS D 274 -26.66 13.69 -56.10
C LYS D 274 -25.85 12.55 -56.73
N GLU D 275 -24.93 12.95 -57.62
CA GLU D 275 -24.04 12.05 -58.33
C GLU D 275 -23.27 11.18 -57.36
N PHE D 276 -22.61 11.86 -56.42
CA PHE D 276 -21.78 11.24 -55.39
C PHE D 276 -22.54 10.22 -54.53
N LEU D 277 -23.72 10.61 -54.05
CA LEU D 277 -24.55 9.75 -53.22
C LEU D 277 -25.03 8.52 -53.97
N SER D 278 -25.27 8.69 -55.26
CA SER D 278 -25.74 7.61 -56.11
C SER D 278 -24.76 6.46 -56.17
N THR D 279 -23.53 6.71 -55.74
CA THR D 279 -22.50 5.68 -55.76
C THR D 279 -22.05 5.24 -54.37
N LEU D 280 -23.02 4.92 -53.51
CA LEU D 280 -22.71 4.50 -52.16
C LEU D 280 -23.52 3.29 -51.71
MG MG E . 17.72 -29.87 36.70
N1 UDP F . 17.10 -34.74 46.79
C2 UDP F . 17.20 -35.37 48.00
N3 UDP F . 16.15 -36.05 48.53
C4 UDP F . 14.95 -36.11 47.84
C5 UDP F . 14.83 -35.46 46.58
C6 UDP F . 15.91 -34.79 46.08
O2 UDP F . 18.27 -35.32 48.63
O4 UDP F . 14.02 -36.70 48.30
C1' UDP F . 18.26 -34.00 46.24
C2' UDP F . 19.25 -34.98 45.57
O2' UDP F . 20.35 -35.27 46.46
C3' UDP F . 19.73 -34.25 44.35
C4' UDP F . 18.97 -32.93 44.37
O4' UDP F . 17.83 -33.14 45.21
O3' UDP F . 21.15 -34.03 44.42
C5' UDP F . 18.53 -32.58 42.99
O5' UDP F . 17.78 -31.40 43.05
PA UDP F . 17.23 -31.15 41.60
O1A UDP F . 18.35 -31.00 40.67
O2A UDP F . 16.33 -32.39 41.16
O3A UDP F . 16.34 -29.81 41.61
PB UDP F . 15.77 -29.60 40.08
O1B UDP F . 16.96 -29.56 39.09
O2B UDP F . 14.96 -28.41 39.97
O3B UDP F . 14.87 -30.83 39.72
N1 DCM G . 17.75 -19.90 36.79
C2 DCM G . 17.31 -18.59 36.71
N3 DCM G . 16.23 -18.26 36.02
C4 DCM G . 15.53 -19.19 35.38
C5 DCM G . 15.96 -20.56 35.44
C6 DCM G . 17.08 -20.88 36.16
O2 DCM G . 17.94 -17.71 37.28
N4 DCM G . 14.43 -18.84 34.66
C1' DCM G . 19.02 -20.22 37.54
C2' DCM G . 18.84 -19.96 39.00
C3' DCM G . 19.56 -21.12 39.71
C4' DCM G . 19.46 -22.28 38.71
O4' DCM G . 19.40 -21.63 37.36
O3' DCM G . 20.94 -20.80 39.96
C5' DCM G . 18.23 -23.10 38.97
O5' DCM G . 18.24 -24.23 38.13
P DCM G . 16.96 -25.14 38.55
O1P DCM G . 17.10 -25.51 40.06
O2P DCM G . 15.74 -24.37 38.31
O3P DCM G . 16.98 -26.51 37.65
MG MG H . 16.67 7.27 8.75
N1 UDP I . 21.36 15.33 2.97
C2 UDP I . 21.96 16.40 2.41
N3 UDP I . 22.19 16.45 1.07
C4 UDP I . 21.82 15.40 0.27
C5 UDP I . 21.20 14.25 0.85
C6 UDP I . 20.98 14.24 2.18
O2 UDP I . 22.29 17.36 3.11
O4 UDP I . 22.03 15.43 -0.92
C1' UDP I . 21.12 15.30 4.42
C2' UDP I . 19.74 15.95 4.74
O2' UDP I . 19.91 17.29 5.20
C3' UDP I . 19.16 15.08 5.83
C4' UDP I . 20.21 13.98 6.06
O4' UDP I . 21.02 13.96 4.87
O3' UDP I . 18.97 15.86 7.03
C5' UDP I . 19.55 12.67 6.23
O5' UDP I . 20.51 11.69 6.37
PA UDP I . 19.76 10.31 6.38
O1A UDP I . 18.77 10.29 7.50
O2A UDP I . 18.99 10.11 4.98
O3A UDP I . 20.83 9.11 6.58
PB UDP I . 19.98 7.68 6.57
O1B UDP I . 18.89 7.72 7.67
O2B UDP I . 20.86 6.54 6.74
O3B UDP I . 19.26 7.54 5.16
N1 DCM J . 22.69 2.05 14.72
C2 DCM J . 23.59 1.08 15.17
N3 DCM J . 23.57 -0.16 14.65
C4 DCM J . 22.71 -0.49 13.69
C5 DCM J . 21.76 0.50 13.21
C6 DCM J . 21.79 1.76 13.75
O2 DCM J . 24.40 1.35 16.05
N4 DCM J . 22.70 -1.75 13.18
C1' DCM J . 22.70 3.42 15.35
C2' DCM J . 24.00 4.13 15.10
C3' DCM J . 23.61 5.57 14.73
C4' DCM J . 22.20 5.42 14.14
O4' DCM J . 21.59 4.24 14.83
O3' DCM J . 23.60 6.41 15.88
C5' DCM J . 22.26 5.22 12.66
O5' DCM J . 20.96 5.16 12.14
P DCM J . 21.10 5.08 10.56
O1P DCM J . 21.79 6.36 10.06
O2P DCM J . 21.88 3.89 10.21
O3P DCM J . 19.59 5.00 9.92
MG MG K . -5.53 2.91 -2.55
N1 UDP L . -3.28 1.77 8.19
C2 UDP L . -2.81 1.78 9.48
N3 UDP L . -3.52 1.18 10.48
C4 UDP L . -4.71 0.56 10.21
C5 UDP L . -5.21 0.54 8.86
C6 UDP L . -4.48 1.15 7.89
O2 UDP L . -1.75 2.33 9.75
O4 UDP L . -5.34 0.02 11.10
C1' UDP L . -2.50 2.42 7.13
C2' UDP L . -1.46 1.43 6.54
O2' UDP L . -0.17 1.66 7.10
C3' UDP L . -1.45 1.73 5.06
C4' UDP L . -2.49 2.84 4.90
O4' UDP L . -3.34 2.77 6.06
O3' UDP L . -0.15 2.18 4.65
C5' UDP L . -3.29 2.62 3.68
O5' UDP L . -4.23 3.59 3.57
PA UDP L . -5.14 3.24 2.32
O1A UDP L . -4.30 3.16 1.11
O2A UDP L . -5.85 1.82 2.57
O3A UDP L . -6.29 4.40 2.13
PB UDP L . -7.19 3.98 0.83
O1B UDP L . -6.28 3.81 -0.41
O2B UDP L . -8.25 4.99 0.57
O3B UDP L . -7.89 2.59 1.14
N1 DCM M . -9.07 11.80 -5.30
C2 DCM M . -9.91 12.83 -5.71
N3 DCM M . -11.14 12.58 -6.12
C4 DCM M . -11.62 11.33 -6.16
C5 DCM M . -10.78 10.24 -5.73
C6 DCM M . -9.50 10.50 -5.31
O2 DCM M . -9.50 13.97 -5.71
N4 DCM M . -12.88 11.09 -6.59
C1' DCM M . -7.64 12.10 -4.89
C2' DCM M . -7.61 12.79 -3.56
C3' DCM M . -6.43 12.15 -2.81
C4' DCM M . -6.35 10.75 -3.39
O4' DCM M . -6.84 10.88 -4.80
O3' DCM M . -5.22 12.87 -3.04
C5' DCM M . -7.17 9.80 -2.61
O5' DCM M . -7.05 8.52 -3.15
P DCM M . -7.85 7.53 -2.17
O1P DCM M . -7.19 7.59 -0.77
O2P DCM M . -9.25 7.97 -2.10
O3P DCM M . -7.73 6.00 -2.76
MG MG N . -23.23 26.84 -38.51
N1 UDP O . -22.02 33.07 -47.31
C2 UDP O . -21.86 34.02 -48.28
N3 UDP O . -21.86 33.67 -49.58
C4 UDP O . -22.03 32.37 -49.95
C5 UDP O . -22.20 31.37 -48.95
C6 UDP O . -22.19 31.74 -47.65
O2 UDP O . -21.70 35.17 -47.96
O4 UDP O . -22.03 32.07 -51.12
C1' UDP O . -22.00 33.47 -45.88
C2' UDP O . -23.41 33.88 -45.43
O2' UDP O . -23.53 35.31 -45.40
C3' UDP O . -23.55 33.30 -44.05
C4' UDP O . -22.23 32.62 -43.80
O4' UDP O . -21.68 32.36 -45.09
O3' UDP O . -23.76 34.35 -43.09
C5' UDP O . -22.44 31.36 -43.11
O5' UDP O . -21.27 30.74 -42.95
PA UDP O . -21.56 29.34 -42.34
O1A UDP O . -22.27 29.50 -41.03
O2A UDP O . -22.47 28.49 -43.35
O3A UDP O . -20.11 28.56 -42.09
PB UDP O . -20.46 27.12 -41.42
O1B UDP O . -21.29 27.34 -40.12
O2B UDP O . -19.22 26.37 -41.14
O3B UDP O . -21.36 26.28 -42.45
N1 DCM P . -15.06 25.07 -33.00
C2 DCM P . -13.92 24.44 -32.52
N3 DCM P . -13.72 23.13 -32.70
C4 DCM P . -14.62 22.39 -33.33
C5 DCM P . -15.82 23.01 -33.86
C6 DCM P . -16.01 24.35 -33.67
O2 DCM P . -13.08 25.09 -31.92
N4 DCM P . -14.42 21.05 -33.50
C1' DCM P . -15.27 26.55 -32.74
C2' DCM P . -14.28 27.37 -33.51
C3' DCM P . -15.10 28.55 -34.07
C4' DCM P . -16.51 27.98 -34.22
O4' DCM P . -16.63 26.95 -33.13
O3' DCM P . -15.09 29.65 -33.17
C5' DCM P . -16.70 27.38 -35.55
O5' DCM P . -18.02 26.95 -35.67
P DCM P . -18.20 26.46 -37.18
O1P DCM P . -17.93 27.66 -38.12
O2P DCM P . -17.25 25.38 -37.43
O3P DCM P . -19.76 25.94 -37.38
#